data_8T59
#
_entry.id   8T59
#
_cell.length_a   54.170
_cell.length_b   68.160
_cell.length_c   254.796
_cell.angle_alpha   90.00
_cell.angle_beta   90.00
_cell.angle_gamma   90.00
#
_symmetry.space_group_name_H-M   'P 21 21 21'
#
loop_
_entity.id
_entity.type
_entity.pdbx_description
1 polymer 'Para.09 heavy chain'
2 polymer 'Para.09 light chain'
3 polymer 'Triggering receptor expressed on myeloid cells 2'
4 non-polymer GLYCEROL
5 non-polymer 'ZINC ION'
6 non-polymer DI(HYDROXYETHYL)ETHER
7 water water
#
loop_
_entity_poly.entity_id
_entity_poly.type
_entity_poly.pdbx_seq_one_letter_code
_entity_poly.pdbx_strand_id
1 'polypeptide(L)'
;EVQLVESGGGLVQPGGSLKLSCATSGFPFSNVWLHWVRQASGKGPEWVAHIKAKSDNYATYYAESVKGRFTISRDDSKNT
VYLQMNSLKTEDTAVYYCTDILEYWGQGTLVTVSSASTKGPSVFPLAPSSKSTSGGTAALGCLVKDYFPEPVTVSWNSGA
LTSGVHTFPAVLQSSGLYSLSSVVTVPSSSLGTQTYICNVNHKPSNTKVDKKVEPKSCDKTHTPK
;
A,C
2 'polypeptide(L)'
;DVVMTQSPLSLPVTPGEPASISCRSSRSLLTSKGITSLYWYLQKPGQSPQLLIYRMSNLASGIPDRFSGSGSGTDFTLKI
SRVEAEDVGVYYCAQFLVYPYTFGPGTKVEIKRTVAAPSVFIFPPSDEQLKSGTASVVCLLNNFYPREAKVQWKVDNALQ
SGNSQESVTEQDSKDSTYSLSSTLTLSKADYEKHKVYACEVTHQGLSSPVTKSFNRGEC
;
B,D
3 'polypeptide(L)' ESFEDAHVEHSISRSLLEG E,F
#
loop_
_chem_comp.id
_chem_comp.type
_chem_comp.name
_chem_comp.formula
GOL non-polymer GLYCEROL 'C3 H8 O3'
PEG non-polymer DI(HYDROXYETHYL)ETHER 'C4 H10 O3'
ZN non-polymer 'ZINC ION' 'Zn 2'
#
# COMPACT_ATOMS: atom_id res chain seq x y z
N GLU A 1 -14.57 -15.60 -2.36
CA GLU A 1 -13.15 -15.27 -2.49
C GLU A 1 -12.33 -16.24 -1.65
N VAL A 2 -11.13 -16.55 -2.12
CA VAL A 2 -10.27 -17.54 -1.48
C VAL A 2 -9.54 -16.88 -0.31
N GLN A 3 -9.54 -17.56 0.83
CA GLN A 3 -8.85 -17.06 2.01
C GLN A 3 -8.12 -18.20 2.70
N LEU A 4 -6.84 -17.96 3.00
CA LEU A 4 -6.02 -18.86 3.81
C LEU A 4 -5.41 -18.02 4.91
N VAL A 5 -5.71 -18.36 6.16
CA VAL A 5 -5.38 -17.49 7.30
C VAL A 5 -4.66 -18.35 8.33
N GLU A 6 -3.34 -18.17 8.44
CA GLU A 6 -2.56 -18.85 9.45
C GLU A 6 -2.71 -18.17 10.81
N SER A 7 -2.62 -18.96 11.87
CA SER A 7 -2.48 -18.42 13.21
C SER A 7 -1.76 -19.48 14.06
N GLY A 8 -1.45 -19.08 15.29
CA GLY A 8 -0.81 -19.95 16.26
C GLY A 8 0.65 -19.67 16.49
N GLY A 9 1.27 -18.79 15.71
CA GLY A 9 2.66 -18.46 15.91
C GLY A 9 2.86 -17.62 17.15
N GLY A 10 4.13 -17.46 17.51
CA GLY A 10 4.51 -16.69 18.67
C GLY A 10 5.88 -17.12 19.18
N LEU A 11 6.21 -16.65 20.37
CA LEU A 11 7.48 -16.95 21.01
C LEU A 11 7.35 -18.22 21.82
N VAL A 12 8.28 -19.16 21.63
CA VAL A 12 8.26 -20.43 22.34
C VAL A 12 9.70 -20.84 22.67
N GLN A 13 9.85 -21.53 23.82
CA GLN A 13 11.18 -21.86 24.29
C GLN A 13 11.73 -23.06 23.53
N PRO A 14 13.05 -23.12 23.35
CA PRO A 14 13.64 -24.30 22.71
C PRO A 14 13.16 -25.57 23.40
N GLY A 15 12.87 -26.60 22.61
CA GLY A 15 12.32 -27.82 23.14
C GLY A 15 10.83 -27.80 23.43
N GLY A 16 10.19 -26.64 23.37
CA GLY A 16 8.75 -26.53 23.57
C GLY A 16 7.98 -26.96 22.32
N SER A 17 6.66 -26.76 22.40
CA SER A 17 5.71 -27.20 21.39
C SER A 17 4.80 -26.05 20.96
N LEU A 18 4.26 -26.18 19.74
CA LEU A 18 3.36 -25.17 19.22
C LEU A 18 2.51 -25.82 18.13
N LYS A 19 1.24 -25.47 18.07
CA LYS A 19 0.39 -25.97 17.00
C LYS A 19 -0.09 -24.80 16.16
N LEU A 20 0.26 -24.79 14.88
CA LEU A 20 -0.21 -23.80 13.92
C LEU A 20 -1.50 -24.29 13.28
N SER A 21 -2.38 -23.34 12.97
CA SER A 21 -3.61 -23.65 12.25
C SER A 21 -3.68 -22.79 11.01
N CYS A 22 -4.40 -23.28 10.01
CA CYS A 22 -4.61 -22.54 8.77
C CYS A 22 -6.08 -22.68 8.39
N ALA A 23 -6.89 -21.69 8.74
CA ALA A 23 -8.30 -21.71 8.39
C ALA A 23 -8.48 -21.20 6.96
N THR A 24 -9.32 -21.89 6.19
CA THR A 24 -9.49 -21.57 4.77
C THR A 24 -10.97 -21.41 4.43
N SER A 25 -11.23 -20.73 3.32
CA SER A 25 -12.61 -20.55 2.86
C SER A 25 -12.61 -20.11 1.40
N GLY A 26 -13.78 -20.31 0.76
CA GLY A 26 -14.00 -19.84 -0.58
C GLY A 26 -13.76 -20.85 -1.67
N PHE A 27 -13.48 -22.10 -1.33
CA PHE A 27 -13.19 -23.12 -2.34
C PHE A 27 -13.55 -24.48 -1.78
N PRO A 28 -13.95 -25.43 -2.62
CA PRO A 28 -14.20 -26.79 -2.14
C PRO A 28 -12.93 -27.43 -1.61
N PHE A 29 -12.96 -27.89 -0.37
CA PHE A 29 -11.77 -28.28 0.36
C PHE A 29 -11.35 -29.73 0.10
N SER A 30 -12.30 -30.61 -0.24
CA SER A 30 -12.10 -32.05 -0.06
C SER A 30 -10.96 -32.60 -0.90
N ASN A 31 -10.75 -32.06 -2.11
CA ASN A 31 -9.73 -32.63 -2.97
C ASN A 31 -8.63 -31.63 -3.30
N VAL A 32 -8.31 -30.76 -2.35
CA VAL A 32 -7.20 -29.82 -2.47
C VAL A 32 -6.04 -30.34 -1.64
N TRP A 33 -4.86 -30.47 -2.27
CA TRP A 33 -3.63 -30.77 -1.55
C TRP A 33 -3.06 -29.47 -0.98
N LEU A 34 -2.53 -29.53 0.24
CA LEU A 34 -2.04 -28.35 0.95
C LEU A 34 -0.65 -28.58 1.54
N HIS A 35 0.09 -27.48 1.71
CA HIS A 35 1.47 -27.50 2.19
C HIS A 35 1.68 -26.46 3.28
N TRP A 36 2.68 -26.70 4.11
CA TRP A 36 3.29 -25.67 4.95
C TRP A 36 4.65 -25.37 4.36
N VAL A 37 4.95 -24.09 4.18
CA VAL A 37 6.25 -23.63 3.71
C VAL A 37 6.71 -22.53 4.67
N ARG A 38 7.99 -22.57 5.05
CA ARG A 38 8.49 -21.59 6.02
C ARG A 38 9.60 -20.75 5.40
N GLN A 39 9.87 -19.61 6.02
CA GLN A 39 10.90 -18.70 5.50
C GLN A 39 11.51 -17.89 6.63
N ALA A 40 12.81 -18.08 6.87
CA ALA A 40 13.55 -17.23 7.78
C ALA A 40 13.98 -15.95 7.07
N SER A 41 14.07 -14.86 7.83
CA SER A 41 14.40 -13.58 7.22
C SER A 41 15.76 -13.67 6.53
N GLY A 42 15.84 -13.05 5.36
CA GLY A 42 17.06 -13.08 4.59
C GLY A 42 17.34 -14.38 3.88
N LYS A 43 16.42 -15.34 3.93
CA LYS A 43 16.62 -16.63 3.30
C LYS A 43 15.41 -16.94 2.40
N GLY A 44 15.55 -17.97 1.58
CA GLY A 44 14.50 -18.35 0.65
C GLY A 44 13.48 -19.30 1.27
N PRO A 45 12.41 -19.58 0.53
CA PRO A 45 11.38 -20.49 1.05
C PRO A 45 11.93 -21.89 1.22
N GLU A 46 11.47 -22.57 2.27
CA GLU A 46 11.81 -23.96 2.53
C GLU A 46 10.51 -24.74 2.71
N TRP A 47 10.27 -25.72 1.85
CA TRP A 47 9.11 -26.59 1.99
C TRP A 47 9.20 -27.40 3.30
N VAL A 48 8.07 -27.49 4.01
CA VAL A 48 8.04 -28.15 5.31
C VAL A 48 7.24 -29.46 5.27
N ALA A 49 6.01 -29.42 4.75
CA ALA A 49 5.14 -30.59 4.80
C ALA A 49 4.05 -30.49 3.74
N HIS A 50 3.49 -31.66 3.41
CA HIS A 50 2.50 -31.82 2.36
C HIS A 50 1.46 -32.82 2.84
N ILE A 51 0.18 -32.51 2.67
CA ILE A 51 -0.87 -33.47 3.02
C ILE A 51 -1.87 -33.56 1.89
N LYS A 52 -2.21 -34.78 1.49
CA LYS A 52 -3.13 -35.01 0.40
C LYS A 52 -4.54 -35.13 0.96
N ALA A 53 -5.49 -35.61 0.17
CA ALA A 53 -6.90 -35.56 0.54
C ALA A 53 -7.39 -36.93 1.01
N LYS A 54 -8.64 -36.98 1.49
CA LYS A 54 -9.21 -38.22 1.96
C LYS A 54 -9.12 -39.30 0.89
N SER A 55 -9.46 -38.95 -0.34
CA SER A 55 -9.29 -39.87 -1.46
C SER A 55 -7.90 -40.49 -1.48
N ASP A 56 -6.90 -39.76 -0.98
CA ASP A 56 -5.51 -40.21 -0.95
C ASP A 56 -5.12 -40.82 0.40
N ASN A 57 -6.10 -41.11 1.25
CA ASN A 57 -5.87 -41.58 2.61
C ASN A 57 -5.01 -40.59 3.41
N TYR A 58 -5.16 -39.29 3.13
CA TYR A 58 -4.49 -38.24 3.90
C TYR A 58 -2.99 -38.50 4.00
N ALA A 59 -2.39 -39.01 2.94
CA ALA A 59 -0.96 -39.26 2.93
C ALA A 59 -0.20 -37.98 3.24
N THR A 60 0.91 -38.10 3.97
CA THR A 60 1.68 -36.94 4.39
C THR A 60 3.15 -37.13 4.05
N TYR A 61 3.84 -36.01 3.85
CA TYR A 61 5.25 -35.99 3.50
C TYR A 61 5.92 -34.81 4.21
N TYR A 62 7.21 -34.98 4.54
CA TYR A 62 7.90 -34.05 5.43
C TYR A 62 9.30 -33.74 4.94
N ALA A 63 9.73 -32.50 5.20
CA ALA A 63 11.10 -32.10 4.98
C ALA A 63 12.05 -32.84 5.92
N GLU A 64 13.29 -33.04 5.47
CA GLU A 64 14.28 -33.76 6.26
C GLU A 64 14.45 -33.14 7.64
N SER A 65 14.45 -31.80 7.72
CA SER A 65 14.76 -31.12 8.97
C SER A 65 13.65 -31.20 10.00
N VAL A 66 12.45 -31.65 9.64
CA VAL A 66 11.32 -31.69 10.56
C VAL A 66 10.80 -33.09 10.80
N LYS A 67 11.32 -34.09 10.10
CA LYS A 67 10.82 -35.45 10.28
C LYS A 67 10.87 -35.85 11.75
N GLY A 68 9.83 -36.55 12.19
CA GLY A 68 9.76 -37.01 13.57
C GLY A 68 9.38 -35.97 14.59
N ARG A 69 9.38 -34.68 14.24
CA ARG A 69 9.04 -33.61 15.16
C ARG A 69 7.74 -32.90 14.83
N PHE A 70 7.43 -32.72 13.54
CA PHE A 70 6.25 -32.01 13.10
C PHE A 70 5.22 -32.98 12.55
N THR A 71 3.94 -32.61 12.67
CA THR A 71 2.87 -33.40 12.11
C THR A 71 1.90 -32.47 11.40
N ILE A 72 1.67 -32.72 10.12
CA ILE A 72 0.69 -31.96 9.36
C ILE A 72 -0.61 -32.75 9.35
N SER A 73 -1.73 -32.05 9.56
CA SER A 73 -3.03 -32.73 9.61
C SER A 73 -4.09 -31.78 9.09
N ARG A 74 -5.25 -32.35 8.75
CA ARG A 74 -6.34 -31.56 8.21
C ARG A 74 -7.67 -32.07 8.77
N ASP A 75 -8.62 -31.15 8.91
CA ASP A 75 -9.99 -31.46 9.33
C ASP A 75 -10.91 -30.98 8.20
N ASP A 76 -11.33 -31.92 7.34
CA ASP A 76 -12.11 -31.55 6.16
C ASP A 76 -13.44 -30.90 6.54
N SER A 77 -14.00 -31.25 7.70
CA SER A 77 -15.27 -30.65 8.10
C SER A 77 -15.13 -29.19 8.51
N LYS A 78 -13.91 -28.74 8.79
CA LYS A 78 -13.66 -27.36 9.20
C LYS A 78 -12.81 -26.60 8.20
N ASN A 79 -12.49 -27.20 7.05
CA ASN A 79 -11.66 -26.56 6.03
C ASN A 79 -10.40 -25.93 6.65
N THR A 80 -9.76 -26.69 7.53
CA THR A 80 -8.57 -26.21 8.23
C THR A 80 -7.47 -27.25 8.11
N VAL A 81 -6.24 -26.77 7.98
CA VAL A 81 -5.04 -27.61 8.02
C VAL A 81 -4.17 -27.14 9.17
N TYR A 82 -3.42 -28.07 9.76
CA TYR A 82 -2.66 -27.80 10.99
C TYR A 82 -1.21 -28.21 10.82
N LEU A 83 -0.36 -27.64 11.66
CA LEU A 83 1.03 -28.06 11.76
C LEU A 83 1.38 -28.14 13.23
N GLN A 84 1.51 -29.36 13.76
CA GLN A 84 1.95 -29.57 15.13
C GLN A 84 3.47 -29.62 15.16
N MET A 85 4.09 -28.80 16.03
CA MET A 85 5.54 -28.65 16.09
C MET A 85 6.03 -28.99 17.49
N ASN A 86 6.75 -30.10 17.63
CA ASN A 86 7.32 -30.51 18.90
C ASN A 86 8.84 -30.41 18.88
N SER A 87 9.42 -30.38 20.07
CA SER A 87 10.88 -30.33 20.23
C SER A 87 11.48 -29.22 19.37
N LEU A 88 10.87 -28.05 19.45
CA LEU A 88 11.27 -26.94 18.59
C LEU A 88 12.72 -26.54 18.85
N LYS A 89 13.38 -26.06 17.78
CA LYS A 89 14.76 -25.62 17.85
C LYS A 89 14.87 -24.19 17.37
N THR A 90 15.95 -23.52 17.79
CA THR A 90 16.16 -22.15 17.35
C THR A 90 16.14 -22.06 15.82
N GLU A 91 16.58 -23.12 15.14
CA GLU A 91 16.61 -23.13 13.69
C GLU A 91 15.23 -23.27 13.04
N ASP A 92 14.18 -23.51 13.83
CA ASP A 92 12.81 -23.51 13.33
C ASP A 92 12.22 -22.11 13.25
N THR A 93 12.93 -21.09 13.75
CA THR A 93 12.42 -19.73 13.69
C THR A 93 12.18 -19.33 12.25
N ALA A 94 10.98 -18.88 11.95
CA ALA A 94 10.64 -18.53 10.57
C ALA A 94 9.20 -18.08 10.49
N VAL A 95 8.86 -17.48 9.34
CA VAL A 95 7.47 -17.27 8.98
C VAL A 95 6.94 -18.57 8.37
N TYR A 96 5.78 -19.03 8.82
CA TYR A 96 5.17 -20.26 8.34
C TYR A 96 3.95 -19.93 7.47
N TYR A 97 3.95 -20.41 6.22
CA TYR A 97 2.84 -20.21 5.29
C TYR A 97 2.06 -21.50 5.04
N CYS A 98 0.73 -21.40 4.93
CA CYS A 98 0.00 -22.46 4.29
C CYS A 98 -0.34 -22.06 2.86
N THR A 99 -0.32 -23.04 1.98
CA THR A 99 -0.52 -22.74 0.54
C THR A 99 -0.81 -24.02 -0.23
N ASP A 100 -1.34 -23.88 -1.44
CA ASP A 100 -1.51 -25.04 -2.34
C ASP A 100 -0.18 -25.17 -3.09
N ILE A 101 0.80 -24.33 -2.74
CA ILE A 101 2.17 -24.32 -3.36
C ILE A 101 2.13 -23.55 -4.68
N LEU A 102 0.95 -23.17 -5.15
CA LEU A 102 0.87 -22.54 -6.49
C LEU A 102 0.39 -21.08 -6.40
N GLU A 103 -0.86 -20.81 -6.75
CA GLU A 103 -1.33 -19.40 -6.82
C GLU A 103 -1.79 -18.87 -5.46
N TYR A 104 -2.11 -19.77 -4.52
CA TYR A 104 -2.72 -19.31 -3.25
C TYR A 104 -1.81 -19.55 -2.06
N TRP A 105 -1.42 -18.45 -1.42
CA TRP A 105 -0.58 -18.53 -0.20
C TRP A 105 -1.20 -17.64 0.87
N GLY A 106 -1.17 -18.06 2.12
CA GLY A 106 -1.61 -17.24 3.22
C GLY A 106 -0.65 -16.08 3.45
N GLN A 107 -0.96 -15.29 4.49
CA GLN A 107 -0.09 -14.18 4.86
C GLN A 107 1.08 -14.60 5.74
N GLY A 108 1.02 -15.78 6.34
CA GLY A 108 2.12 -16.30 7.17
C GLY A 108 1.94 -15.98 8.64
N THR A 109 2.48 -16.87 9.48
CA THR A 109 2.49 -16.66 10.93
C THR A 109 3.91 -16.86 11.45
N LEU A 110 4.41 -15.90 12.25
CA LEU A 110 5.80 -15.89 12.67
C LEU A 110 6.00 -16.74 13.93
N VAL A 111 6.96 -17.65 13.85
CA VAL A 111 7.34 -18.52 14.98
C VAL A 111 8.76 -18.17 15.39
N THR A 112 8.93 -17.76 16.64
CA THR A 112 10.24 -17.43 17.19
C THR A 112 10.58 -18.43 18.29
N VAL A 113 11.66 -19.19 18.10
CA VAL A 113 12.11 -20.17 19.06
C VAL A 113 13.34 -19.62 19.77
N SER A 114 13.21 -19.34 21.06
CA SER A 114 14.27 -18.66 21.79
C SER A 114 13.96 -18.70 23.27
N SER A 115 15.01 -18.68 24.08
CA SER A 115 14.83 -18.59 25.53
C SER A 115 14.71 -17.16 26.03
N ALA A 116 14.91 -16.16 25.17
CA ALA A 116 14.84 -14.78 25.61
C ALA A 116 13.40 -14.38 25.91
N SER A 117 13.25 -13.44 26.84
CA SER A 117 11.94 -12.99 27.27
C SER A 117 11.46 -11.82 26.43
N THR A 118 10.14 -11.70 26.32
CA THR A 118 9.55 -10.58 25.61
C THR A 118 9.89 -9.27 26.30
N LYS A 119 10.18 -8.26 25.50
CA LYS A 119 10.46 -6.92 26.00
C LYS A 119 9.97 -5.92 24.96
N GLY A 120 9.19 -4.94 25.40
CA GLY A 120 8.76 -3.85 24.56
C GLY A 120 9.81 -2.77 24.43
N PRO A 121 9.77 -2.04 23.31
CA PRO A 121 10.80 -1.04 23.03
C PRO A 121 10.56 0.25 23.78
N SER A 122 11.63 1.01 23.93
CA SER A 122 11.50 2.45 24.15
C SER A 122 11.58 3.14 22.80
N VAL A 123 10.89 4.25 22.68
CA VAL A 123 10.82 4.99 21.43
C VAL A 123 11.39 6.38 21.69
N PHE A 124 12.50 6.70 21.02
CA PHE A 124 13.18 7.96 21.21
C PHE A 124 13.15 8.80 19.93
N PRO A 125 13.10 10.12 20.04
CA PRO A 125 13.01 10.97 18.84
C PRO A 125 14.37 11.20 18.19
N LEU A 126 14.38 11.22 16.87
CA LEU A 126 15.54 11.65 16.10
C LEU A 126 15.24 13.07 15.62
N ALA A 127 15.77 14.05 16.33
CA ALA A 127 15.34 15.45 16.19
C ALA A 127 15.93 16.07 14.92
N PRO A 128 15.12 16.85 14.18
CA PRO A 128 15.65 17.47 12.95
C PRO A 128 16.88 18.32 13.16
N SER A 129 16.84 19.30 14.06
CA SER A 129 17.96 20.23 14.26
C SER A 129 18.10 21.23 13.11
N SER A 134 21.26 22.05 5.96
CA SER A 134 21.22 23.41 5.41
C SER A 134 21.19 23.39 3.87
N GLY A 135 20.60 22.35 3.29
CA GLY A 135 20.40 22.30 1.86
C GLY A 135 18.92 22.18 1.51
N GLY A 136 18.09 22.91 2.26
CA GLY A 136 16.66 22.94 2.07
C GLY A 136 15.93 21.67 2.44
N THR A 137 16.63 20.63 2.86
CA THR A 137 16.02 19.37 3.24
C THR A 137 16.47 19.03 4.66
N ALA A 138 15.50 18.76 5.51
CA ALA A 138 15.72 18.33 6.89
C ALA A 138 15.27 16.89 7.04
N ALA A 139 15.83 16.21 8.04
CA ALA A 139 15.48 14.83 8.34
C ALA A 139 15.13 14.70 9.81
N LEU A 140 14.17 13.83 10.10
CA LEU A 140 13.76 13.52 11.45
C LEU A 140 13.24 12.09 11.48
N GLY A 141 13.09 11.54 12.68
CA GLY A 141 12.60 10.18 12.78
C GLY A 141 12.44 9.73 14.21
N CYS A 142 12.26 8.43 14.36
CA CYS A 142 12.11 7.76 15.64
C CYS A 142 13.03 6.56 15.71
N LEU A 143 13.67 6.36 16.86
CA LEU A 143 14.49 5.20 17.11
C LEU A 143 13.73 4.27 18.06
N VAL A 144 13.46 3.05 17.62
CA VAL A 144 12.72 2.07 18.39
C VAL A 144 13.74 1.07 18.92
N LYS A 145 14.13 1.21 20.19
CA LYS A 145 15.29 0.51 20.70
C LYS A 145 14.86 -0.59 21.67
N ASP A 146 15.66 -1.66 21.72
CA ASP A 146 15.63 -2.73 22.75
C ASP A 146 14.28 -3.44 22.91
N TYR A 147 13.88 -4.16 21.87
CA TYR A 147 12.66 -4.96 21.94
C TYR A 147 12.92 -6.40 21.50
N PHE A 148 11.99 -7.29 21.88
CA PHE A 148 12.03 -8.70 21.55
C PHE A 148 10.68 -9.34 21.85
N PRO A 149 10.18 -10.24 21.00
CA PRO A 149 10.79 -10.59 19.71
C PRO A 149 10.32 -9.63 18.62
N GLU A 150 10.68 -9.94 17.38
CA GLU A 150 10.10 -9.25 16.25
C GLU A 150 8.61 -9.59 16.19
N PRO A 151 7.80 -8.77 15.49
CA PRO A 151 8.22 -7.59 14.74
C PRO A 151 7.66 -6.27 15.29
N VAL A 152 8.16 -5.16 14.76
N VAL A 152 8.15 -5.15 14.76
CA VAL A 152 7.68 -3.82 15.09
CA VAL A 152 7.67 -3.82 15.09
C VAL A 152 7.21 -3.15 13.81
C VAL A 152 7.21 -3.15 13.81
N THR A 153 6.17 -2.33 13.92
CA THR A 153 5.66 -1.53 12.80
C THR A 153 5.74 -0.06 13.15
N VAL A 154 6.03 0.77 12.15
CA VAL A 154 6.10 2.21 12.32
C VAL A 154 5.30 2.88 11.20
N SER A 155 4.50 3.87 11.57
CA SER A 155 3.82 4.74 10.60
C SER A 155 4.01 6.18 11.06
N TRP A 156 3.69 7.12 10.19
CA TRP A 156 3.85 8.53 10.50
C TRP A 156 2.50 9.25 10.35
N ASN A 157 2.17 10.09 11.33
CA ASN A 157 0.91 10.83 11.31
C ASN A 157 -0.24 9.91 10.96
N SER A 158 -0.27 8.76 11.64
CA SER A 158 -1.34 7.80 11.53
C SER A 158 -1.56 7.37 10.08
N GLY A 159 -0.49 7.31 9.29
CA GLY A 159 -0.56 6.84 7.93
C GLY A 159 -0.74 7.93 6.88
N ALA A 160 -1.03 9.16 7.30
CA ALA A 160 -1.22 10.24 6.33
C ALA A 160 0.09 10.60 5.65
N LEU A 161 1.21 10.44 6.33
CA LEU A 161 2.52 10.86 5.83
C LEU A 161 3.29 9.63 5.38
N THR A 162 3.56 9.53 4.07
CA THR A 162 4.29 8.39 3.53
C THR A 162 5.43 8.84 2.63
N SER A 163 5.27 9.95 1.94
CA SER A 163 6.35 10.42 1.08
C SER A 163 7.55 10.80 1.91
N GLY A 164 8.71 10.32 1.47
CA GLY A 164 9.97 10.57 2.14
C GLY A 164 10.27 9.67 3.31
N VAL A 165 9.34 8.79 3.68
CA VAL A 165 9.54 7.94 4.86
C VAL A 165 10.47 6.77 4.51
N HIS A 166 11.41 6.46 5.41
CA HIS A 166 12.25 5.26 5.31
C HIS A 166 12.21 4.53 6.64
N THR A 167 11.63 3.34 6.65
CA THR A 167 11.61 2.50 7.84
C THR A 167 12.55 1.32 7.60
N PHE A 168 13.64 1.27 8.37
CA PHE A 168 14.73 0.35 8.09
C PHE A 168 14.51 -1.01 8.73
N PRO A 169 15.14 -2.05 8.18
CA PRO A 169 15.14 -3.35 8.85
C PRO A 169 15.77 -3.22 10.24
N ALA A 170 15.22 -3.98 11.19
CA ALA A 170 15.81 -4.02 12.52
C ALA A 170 17.19 -4.63 12.48
N VAL A 171 18.02 -4.26 13.45
CA VAL A 171 19.29 -4.92 13.66
C VAL A 171 19.20 -5.66 14.99
N LEU A 172 19.80 -6.85 15.03
CA LEU A 172 19.91 -7.61 16.27
C LEU A 172 21.19 -7.19 16.97
N GLN A 173 21.05 -6.57 18.13
CA GLN A 173 22.20 -6.09 18.89
C GLN A 173 22.86 -7.26 19.63
N SER A 174 24.09 -7.02 20.12
CA SER A 174 24.80 -8.03 20.89
C SER A 174 24.08 -8.37 22.19
N SER A 175 23.22 -7.49 22.68
CA SER A 175 22.40 -7.81 23.84
C SER A 175 21.30 -8.81 23.55
N GLY A 176 21.11 -9.19 22.29
CA GLY A 176 20.01 -10.05 21.93
C GLY A 176 18.68 -9.34 21.74
N LEU A 177 18.64 -8.03 21.93
CA LEU A 177 17.45 -7.22 21.70
C LEU A 177 17.54 -6.51 20.35
N TYR A 178 16.38 -6.26 19.75
CA TYR A 178 16.31 -5.61 18.46
C TYR A 178 16.20 -4.10 18.61
N SER A 179 16.56 -3.40 17.55
CA SER A 179 16.46 -1.96 17.49
C SER A 179 16.25 -1.57 16.02
N LEU A 180 15.30 -0.68 15.75
CA LEU A 180 15.13 -0.18 14.39
C LEU A 180 14.79 1.30 14.42
N SER A 181 14.93 1.94 13.26
CA SER A 181 14.66 3.37 13.14
C SER A 181 13.78 3.61 11.93
N SER A 182 12.96 4.66 12.02
CA SER A 182 12.13 5.14 10.92
C SER A 182 12.39 6.62 10.76
N VAL A 183 12.62 7.06 9.52
CA VAL A 183 12.90 8.47 9.26
C VAL A 183 11.98 9.01 8.18
N VAL A 184 11.94 10.34 8.10
CA VAL A 184 11.30 11.03 6.99
C VAL A 184 12.07 12.32 6.73
N THR A 185 12.23 12.64 5.45
CA THR A 185 12.76 13.92 5.04
C THR A 185 11.62 14.89 4.76
N VAL A 186 11.87 16.17 5.01
CA VAL A 186 10.87 17.23 4.91
C VAL A 186 11.56 18.49 4.43
N PRO A 187 10.89 19.39 3.71
CA PRO A 187 11.47 20.72 3.47
C PRO A 187 11.78 21.38 4.80
N SER A 188 13.02 21.84 4.95
CA SER A 188 13.41 22.46 6.21
C SER A 188 12.57 23.68 6.52
N SER A 189 12.18 24.43 5.50
CA SER A 189 11.47 25.68 5.74
C SER A 189 10.18 25.47 6.50
N SER A 190 9.59 24.28 6.46
CA SER A 190 8.28 24.07 7.06
C SER A 190 8.35 23.45 8.44
N LEU A 191 9.53 23.38 9.05
CA LEU A 191 9.64 22.83 10.40
C LEU A 191 8.91 23.79 11.34
N GLY A 192 7.73 23.39 11.81
CA GLY A 192 6.86 24.26 12.57
C GLY A 192 5.47 24.41 11.97
N THR A 193 5.32 24.04 10.71
CA THR A 193 4.05 24.10 9.99
C THR A 193 3.37 22.75 9.94
N GLN A 194 4.10 21.71 10.32
CA GLN A 194 3.61 20.35 10.34
C GLN A 194 3.92 19.74 11.69
N THR A 195 3.06 18.85 12.14
CA THR A 195 3.33 18.05 13.33
C THR A 195 3.75 16.67 12.85
N TYR A 196 4.77 16.11 13.47
CA TYR A 196 5.30 14.82 13.06
C TYR A 196 5.18 13.84 14.22
N ILE A 197 4.38 12.80 14.03
CA ILE A 197 4.15 11.78 15.05
C ILE A 197 4.45 10.42 14.45
N CYS A 198 5.40 9.70 15.04
CA CYS A 198 5.60 8.32 14.68
C CYS A 198 4.72 7.45 15.54
N ASN A 199 4.10 6.46 14.91
CA ASN A 199 3.20 5.52 15.56
C ASN A 199 3.91 4.17 15.56
N VAL A 200 4.40 3.77 16.73
CA VAL A 200 5.18 2.55 16.88
C VAL A 200 4.29 1.48 17.53
N ASN A 201 4.28 0.28 16.94
CA ASN A 201 3.49 -0.81 17.49
C ASN A 201 4.36 -2.05 17.65
N HIS A 202 4.33 -2.65 18.83
CA HIS A 202 5.01 -3.91 19.13
C HIS A 202 4.02 -4.84 19.82
N LYS A 203 3.27 -5.60 19.01
CA LYS A 203 2.17 -6.41 19.53
C LYS A 203 2.62 -7.47 20.55
N PRO A 204 3.76 -8.13 20.41
CA PRO A 204 4.14 -9.16 21.41
C PRO A 204 4.17 -8.62 22.83
N SER A 205 4.43 -7.33 23.00
CA SER A 205 4.43 -6.72 24.33
C SER A 205 3.23 -5.82 24.57
N ASN A 206 2.31 -5.71 23.60
CA ASN A 206 1.18 -4.79 23.68
C ASN A 206 1.66 -3.36 23.87
N THR A 207 2.73 -2.99 23.18
CA THR A 207 3.21 -1.62 23.19
C THR A 207 2.66 -0.91 21.96
N LYS A 208 1.92 0.17 22.17
CA LYS A 208 1.54 1.09 21.10
C LYS A 208 1.89 2.48 21.57
N VAL A 209 2.80 3.13 20.87
CA VAL A 209 3.36 4.42 21.25
C VAL A 209 3.25 5.38 20.09
N ASP A 210 2.88 6.62 20.38
CA ASP A 210 2.95 7.74 19.45
C ASP A 210 3.94 8.74 20.03
N LYS A 211 4.89 9.20 19.21
CA LYS A 211 5.91 10.10 19.71
C LYS A 211 6.02 11.31 18.78
N LYS A 212 5.83 12.51 19.34
CA LYS A 212 6.03 13.74 18.60
C LYS A 212 7.51 14.05 18.47
N VAL A 213 7.95 14.39 17.26
CA VAL A 213 9.34 14.71 16.98
C VAL A 213 9.46 16.21 16.78
N GLU A 214 10.32 16.85 17.56
CA GLU A 214 10.50 18.30 17.52
C GLU A 214 11.94 18.70 17.20
N ASP B 1 17.76 -36.74 -2.81
CA ASP B 1 17.33 -35.36 -2.97
C ASP B 1 17.45 -34.87 -4.41
N VAL B 2 16.86 -33.71 -4.67
CA VAL B 2 17.11 -32.92 -5.87
C VAL B 2 17.50 -31.51 -5.42
N VAL B 3 18.68 -31.05 -5.82
CA VAL B 3 19.15 -29.72 -5.44
C VAL B 3 18.90 -28.76 -6.60
N MET B 4 18.33 -27.59 -6.28
CA MET B 4 18.05 -26.54 -7.25
C MET B 4 19.04 -25.40 -7.07
N THR B 5 19.69 -25.00 -8.17
CA THR B 5 20.64 -23.89 -8.16
C THR B 5 20.19 -22.80 -9.12
N GLN B 6 20.66 -21.57 -8.89
CA GLN B 6 20.30 -20.43 -9.73
C GLN B 6 21.49 -19.50 -9.92
N SER B 7 21.46 -18.76 -11.03
CA SER B 7 22.40 -17.67 -11.28
C SER B 7 21.74 -16.63 -12.18
N PRO B 8 22.16 -15.35 -12.08
CA PRO B 8 23.15 -14.90 -11.10
C PRO B 8 22.51 -14.75 -9.72
N LEU B 9 23.28 -14.32 -8.71
CA LEU B 9 22.63 -14.02 -7.44
C LEU B 9 21.92 -12.68 -7.46
N SER B 10 22.43 -11.70 -8.21
CA SER B 10 21.82 -10.39 -8.34
C SER B 10 21.85 -9.96 -9.80
N LEU B 11 20.81 -9.25 -10.23
CA LEU B 11 20.71 -8.81 -11.62
C LEU B 11 20.09 -7.41 -11.71
N PRO B 12 20.90 -6.36 -11.85
CA PRO B 12 20.35 -5.02 -12.13
C PRO B 12 19.94 -4.91 -13.60
N VAL B 13 18.73 -4.43 -13.84
CA VAL B 13 18.23 -4.31 -15.21
C VAL B 13 17.69 -2.91 -15.45
N THR B 14 18.12 -2.29 -16.54
CA THR B 14 17.56 -1.00 -16.91
C THR B 14 16.10 -1.17 -17.36
N PRO B 15 15.18 -0.36 -16.88
CA PRO B 15 13.78 -0.53 -17.26
C PRO B 15 13.62 -0.52 -18.77
N GLY B 16 12.79 -1.41 -19.28
CA GLY B 16 12.56 -1.52 -20.70
C GLY B 16 13.48 -2.47 -21.44
N GLU B 17 14.52 -2.98 -20.81
CA GLU B 17 15.43 -3.95 -21.40
C GLU B 17 15.10 -5.35 -20.89
N PRO B 18 15.61 -6.39 -21.55
CA PRO B 18 15.27 -7.76 -21.16
C PRO B 18 16.06 -8.22 -19.95
N ALA B 19 15.49 -9.21 -19.28
CA ALA B 19 16.17 -9.89 -18.18
C ALA B 19 16.07 -11.38 -18.43
N SER B 20 17.14 -12.10 -18.07
CA SER B 20 17.20 -13.54 -18.23
C SER B 20 17.88 -14.13 -17.01
N ILE B 21 17.21 -15.04 -16.32
CA ILE B 21 17.81 -15.68 -15.15
C ILE B 21 17.72 -17.19 -15.31
N SER B 22 18.69 -17.89 -14.73
CA SER B 22 18.83 -19.32 -14.96
C SER B 22 18.61 -20.10 -13.67
N CYS B 23 18.17 -21.34 -13.86
CA CYS B 23 17.96 -22.31 -12.81
C CYS B 23 18.42 -23.67 -13.32
N ARG B 24 18.89 -24.51 -12.40
CA ARG B 24 19.32 -25.86 -12.74
C ARG B 24 18.85 -26.83 -11.67
N SER B 25 18.40 -28.00 -12.09
CA SER B 25 18.10 -29.08 -11.17
C SER B 25 19.17 -30.16 -11.29
N SER B 26 19.39 -30.89 -10.19
CA SER B 26 20.42 -31.92 -10.20
C SER B 26 19.95 -33.19 -10.89
N ARG B 27 18.68 -33.31 -11.22
CA ARG B 27 18.28 -34.37 -12.13
C ARG B 27 17.11 -33.89 -12.97
N SER B 28 16.79 -34.68 -14.00
CA SER B 28 15.70 -34.32 -14.90
C SER B 28 14.40 -34.22 -14.12
N LEU B 29 13.57 -33.25 -14.51
CA LEU B 29 12.26 -33.03 -13.89
C LEU B 29 11.12 -33.38 -14.86
N LEU B 30 11.42 -34.09 -15.94
CA LEU B 30 10.39 -34.66 -16.81
C LEU B 30 9.71 -35.83 -16.13
N THR B 31 8.38 -35.85 -16.18
CA THR B 31 7.60 -36.98 -15.70
C THR B 31 7.22 -37.88 -16.87
N SER B 32 6.79 -39.10 -16.51
CA SER B 32 6.35 -40.05 -17.54
C SER B 32 5.30 -39.47 -18.48
N LYS B 33 4.58 -38.44 -18.06
CA LYS B 33 3.51 -37.85 -18.88
C LYS B 33 3.94 -36.59 -19.64
N GLY B 34 5.24 -36.36 -19.77
CA GLY B 34 5.75 -35.22 -20.53
C GLY B 34 5.76 -33.89 -19.80
N ILE B 35 5.34 -33.86 -18.55
CA ILE B 35 5.28 -32.63 -17.77
C ILE B 35 6.62 -32.40 -17.11
N THR B 36 7.07 -31.15 -17.06
CA THR B 36 8.30 -30.83 -16.36
C THR B 36 7.95 -30.11 -15.06
N SER B 37 8.34 -30.72 -13.93
CA SER B 37 7.93 -30.24 -12.61
C SER B 37 8.86 -29.11 -12.16
N LEU B 38 8.74 -27.98 -12.84
CA LEU B 38 9.55 -26.81 -12.52
C LEU B 38 8.68 -25.57 -12.49
N TYR B 39 8.84 -24.76 -11.44
CA TYR B 39 7.96 -23.64 -11.16
C TYR B 39 8.79 -22.41 -10.79
N TRP B 40 8.32 -21.24 -11.22
CA TRP B 40 9.01 -19.97 -10.98
C TRP B 40 8.15 -19.06 -10.13
N TYR B 41 8.76 -18.38 -9.14
CA TYR B 41 8.08 -17.45 -8.25
C TYR B 41 8.82 -16.12 -8.16
N LEU B 42 8.06 -15.04 -7.99
CA LEU B 42 8.58 -13.72 -7.63
C LEU B 42 8.12 -13.40 -6.23
N GLN B 43 9.03 -12.93 -5.37
CA GLN B 43 8.66 -12.54 -4.02
C GLN B 43 9.13 -11.13 -3.72
N LYS B 44 8.19 -10.27 -3.34
CA LYS B 44 8.54 -8.93 -2.92
C LYS B 44 8.58 -8.84 -1.41
N PRO B 45 9.33 -7.87 -0.87
CA PRO B 45 9.49 -7.82 0.59
C PRO B 45 8.14 -7.75 1.27
N GLY B 46 8.01 -8.48 2.38
CA GLY B 46 6.79 -8.52 3.15
C GLY B 46 5.65 -9.29 2.52
N GLN B 47 5.78 -9.75 1.28
CA GLN B 47 4.72 -10.50 0.64
C GLN B 47 5.11 -11.96 0.55
N SER B 48 4.11 -12.81 0.34
CA SER B 48 4.33 -14.22 0.08
C SER B 48 4.77 -14.43 -1.37
N PRO B 49 5.34 -15.58 -1.70
CA PRO B 49 5.79 -15.80 -3.09
C PRO B 49 4.63 -15.82 -4.06
N GLN B 50 4.85 -15.25 -5.23
CA GLN B 50 3.84 -15.18 -6.29
C GLN B 50 4.25 -16.10 -7.45
N LEU B 51 3.36 -17.03 -7.80
CA LEU B 51 3.62 -17.91 -8.93
C LEU B 51 3.60 -17.13 -10.24
N LEU B 52 4.62 -17.31 -11.06
CA LEU B 52 4.71 -16.64 -12.35
C LEU B 52 4.56 -17.63 -13.49
N ILE B 53 5.28 -18.75 -13.42
CA ILE B 53 5.31 -19.75 -14.47
C ILE B 53 5.23 -21.11 -13.82
N TYR B 54 4.35 -21.97 -14.32
CA TYR B 54 4.23 -23.31 -13.77
C TYR B 54 4.56 -24.34 -14.84
N ARG B 55 5.13 -25.45 -14.38
CA ARG B 55 5.54 -26.56 -15.23
C ARG B 55 6.35 -26.03 -16.42
N MET B 56 7.44 -25.32 -16.06
CA MET B 56 8.51 -24.86 -16.94
C MET B 56 8.14 -23.68 -17.85
N SER B 57 6.97 -23.73 -18.50
CA SER B 57 6.73 -22.75 -19.56
C SER B 57 5.31 -22.19 -19.62
N ASN B 58 4.43 -22.52 -18.67
CA ASN B 58 3.05 -22.06 -18.72
C ASN B 58 2.90 -20.81 -17.85
N LEU B 59 2.37 -19.75 -18.44
CA LEU B 59 2.17 -18.51 -17.71
C LEU B 59 1.01 -18.65 -16.75
N ALA B 60 1.23 -18.29 -15.49
CA ALA B 60 0.13 -18.29 -14.52
C ALA B 60 -0.86 -17.19 -14.84
N SER B 61 -2.08 -17.35 -14.37
CA SER B 61 -3.16 -16.45 -14.75
C SER B 61 -2.93 -15.03 -14.25
N GLY B 62 -3.14 -14.06 -15.12
CA GLY B 62 -2.94 -12.68 -14.76
C GLY B 62 -1.51 -12.20 -14.86
N ILE B 63 -0.57 -13.09 -15.10
CA ILE B 63 0.84 -12.69 -15.23
C ILE B 63 1.05 -12.11 -16.62
N PRO B 64 1.62 -10.90 -16.75
CA PRO B 64 1.85 -10.34 -18.08
C PRO B 64 2.72 -11.27 -18.94
N ASP B 65 2.43 -11.30 -20.24
CA ASP B 65 3.18 -12.20 -21.09
C ASP B 65 4.57 -11.65 -21.45
N ARG B 66 5.01 -10.57 -20.81
CA ARG B 66 6.44 -10.22 -20.78
C ARG B 66 7.28 -11.32 -20.15
N PHE B 67 6.68 -12.19 -19.34
CA PHE B 67 7.39 -13.30 -18.74
C PHE B 67 7.23 -14.54 -19.61
N SER B 68 8.30 -15.33 -19.71
CA SER B 68 8.27 -16.60 -20.43
C SER B 68 9.29 -17.54 -19.78
N GLY B 69 9.04 -18.82 -19.92
CA GLY B 69 9.94 -19.83 -19.39
C GLY B 69 10.27 -20.88 -20.42
N SER B 70 11.51 -21.35 -20.38
CA SER B 70 11.98 -22.39 -21.28
C SER B 70 12.93 -23.29 -20.49
N GLY B 71 13.24 -24.44 -21.08
CA GLY B 71 14.12 -25.35 -20.40
C GLY B 71 14.52 -26.49 -21.30
N SER B 72 15.65 -27.09 -20.98
CA SER B 72 16.15 -28.28 -21.66
C SER B 72 16.65 -29.28 -20.62
N GLY B 73 15.75 -30.14 -20.15
CA GLY B 73 16.16 -31.21 -19.25
C GLY B 73 16.32 -30.73 -17.83
N THR B 74 17.54 -30.27 -17.51
CA THR B 74 17.89 -29.82 -16.18
C THR B 74 18.28 -28.36 -16.09
N ASP B 75 18.28 -27.63 -17.20
CA ASP B 75 18.63 -26.21 -17.20
C ASP B 75 17.44 -25.40 -17.68
N PHE B 76 17.02 -24.44 -16.89
CA PHE B 76 15.80 -23.68 -17.14
C PHE B 76 16.13 -22.21 -17.20
N THR B 77 15.29 -21.45 -17.91
CA THR B 77 15.51 -20.01 -18.07
C THR B 77 14.18 -19.27 -17.93
N LEU B 78 14.17 -18.24 -17.10
CA LEU B 78 13.07 -17.30 -17.04
C LEU B 78 13.50 -16.01 -17.72
N LYS B 79 12.65 -15.48 -18.59
CA LYS B 79 12.95 -14.25 -19.31
C LYS B 79 11.85 -13.22 -19.07
N ILE B 80 12.27 -11.97 -18.98
CA ILE B 80 11.39 -10.81 -18.99
C ILE B 80 11.75 -10.01 -20.23
N SER B 81 10.79 -9.86 -21.15
CA SER B 81 11.07 -9.20 -22.41
C SER B 81 11.49 -7.75 -22.18
N ARG B 82 10.77 -7.04 -21.33
CA ARG B 82 11.09 -5.67 -20.98
C ARG B 82 10.73 -5.46 -19.51
N VAL B 83 11.72 -5.08 -18.70
CA VAL B 83 11.49 -4.98 -17.27
C VAL B 83 10.64 -3.77 -16.96
N GLU B 84 9.67 -3.95 -16.09
CA GLU B 84 8.88 -2.84 -15.56
C GLU B 84 9.06 -2.80 -14.04
N ALA B 85 8.62 -1.67 -13.47
CA ALA B 85 8.95 -1.37 -12.07
C ALA B 85 8.42 -2.44 -11.13
N GLU B 86 7.22 -2.96 -11.39
CA GLU B 86 6.65 -3.95 -10.48
C GLU B 86 7.35 -5.30 -10.56
N ASP B 87 8.37 -5.44 -11.40
CA ASP B 87 9.06 -6.72 -11.58
C ASP B 87 10.15 -6.97 -10.56
N VAL B 88 10.51 -5.97 -9.76
CA VAL B 88 11.66 -6.11 -8.85
C VAL B 88 11.29 -7.01 -7.68
N GLY B 89 12.27 -7.78 -7.21
CA GLY B 89 12.08 -8.72 -6.13
C GLY B 89 13.04 -9.88 -6.27
N VAL B 90 12.78 -10.96 -5.51
CA VAL B 90 13.60 -12.16 -5.56
C VAL B 90 12.84 -13.25 -6.31
N TYR B 91 13.47 -13.79 -7.36
CA TYR B 91 12.90 -14.86 -8.20
C TYR B 91 13.43 -16.22 -7.74
N TYR B 92 12.52 -17.16 -7.48
CA TYR B 92 12.90 -18.50 -7.03
C TYR B 92 12.38 -19.54 -8.01
N CYS B 93 13.20 -20.56 -8.25
CA CYS B 93 12.69 -21.75 -8.92
C CYS B 93 12.48 -22.87 -7.91
N ALA B 94 11.67 -23.86 -8.29
CA ALA B 94 11.34 -24.95 -7.39
C ALA B 94 10.94 -26.18 -8.20
N GLN B 95 11.21 -27.36 -7.62
CA GLN B 95 10.75 -28.63 -8.16
C GLN B 95 9.81 -29.31 -7.15
N PHE B 96 8.71 -29.86 -7.67
CA PHE B 96 7.70 -30.55 -6.88
C PHE B 96 7.53 -31.98 -7.37
N LEU B 97 8.64 -32.64 -7.69
CA LEU B 97 8.63 -33.99 -8.20
C LEU B 97 9.19 -35.00 -7.21
N VAL B 98 10.44 -34.84 -6.76
CA VAL B 98 11.08 -35.76 -5.82
C VAL B 98 10.93 -35.25 -4.38
N TYR B 99 10.34 -36.10 -3.52
CA TYR B 99 9.53 -35.60 -2.42
C TYR B 99 10.20 -34.73 -1.38
N PRO B 100 11.49 -34.75 -1.21
CA PRO B 100 12.04 -33.61 -0.48
C PRO B 100 11.94 -32.42 -1.44
N TYR B 101 10.74 -31.85 -1.59
CA TYR B 101 10.53 -30.73 -2.50
C TYR B 101 11.45 -29.57 -2.13
N THR B 102 12.02 -28.92 -3.15
CA THR B 102 13.07 -27.96 -2.90
C THR B 102 12.89 -26.71 -3.77
N PHE B 103 13.37 -25.59 -3.24
CA PHE B 103 13.41 -24.30 -3.92
C PHE B 103 14.86 -23.93 -4.17
N GLY B 104 15.08 -23.16 -5.21
CA GLY B 104 16.39 -22.57 -5.43
C GLY B 104 16.67 -21.47 -4.42
N PRO B 105 17.90 -20.95 -4.45
CA PRO B 105 18.28 -19.91 -3.49
C PRO B 105 17.81 -18.51 -3.86
N GLY B 106 17.31 -18.30 -5.08
CA GLY B 106 16.77 -17.00 -5.44
C GLY B 106 17.74 -16.16 -6.25
N THR B 107 17.18 -15.34 -7.14
CA THR B 107 17.91 -14.34 -7.90
C THR B 107 17.22 -13.00 -7.65
N LYS B 108 17.97 -12.02 -7.16
CA LYS B 108 17.41 -10.71 -6.83
C LYS B 108 17.48 -9.82 -8.07
N VAL B 109 16.33 -9.39 -8.58
CA VAL B 109 16.25 -8.52 -9.74
C VAL B 109 16.01 -7.10 -9.25
N GLU B 110 16.90 -6.19 -9.61
CA GLU B 110 16.80 -4.80 -9.18
C GLU B 110 16.76 -3.89 -10.40
N ILE B 111 16.34 -2.66 -10.20
CA ILE B 111 16.36 -1.67 -11.28
C ILE B 111 17.73 -1.01 -11.32
N LYS B 112 18.33 -1.02 -12.50
CA LYS B 112 19.57 -0.29 -12.71
C LYS B 112 19.23 1.16 -13.02
N ARG B 113 19.99 2.08 -12.43
CA ARG B 113 19.81 3.51 -12.64
C ARG B 113 21.17 4.17 -12.53
N THR B 114 21.20 5.48 -12.80
CA THR B 114 22.45 6.23 -12.75
C THR B 114 22.93 6.35 -11.30
N VAL B 115 24.25 6.55 -11.14
CA VAL B 115 24.83 6.75 -9.83
C VAL B 115 24.22 7.97 -9.17
N ALA B 116 23.91 7.85 -7.88
CA ALA B 116 23.38 8.97 -7.10
C ALA B 116 24.07 9.00 -5.75
N ALA B 117 24.76 10.09 -5.44
CA ALA B 117 25.40 10.21 -4.14
C ALA B 117 24.35 10.40 -3.05
N PRO B 118 24.58 9.89 -1.84
CA PRO B 118 23.63 10.13 -0.76
C PRO B 118 23.78 11.52 -0.19
N SER B 119 22.68 12.06 0.31
CA SER B 119 22.72 13.14 1.27
C SER B 119 22.73 12.55 2.68
N VAL B 120 23.45 13.19 3.60
CA VAL B 120 23.77 12.62 4.90
C VAL B 120 23.22 13.50 6.01
N PHE B 121 22.63 12.87 7.04
CA PHE B 121 22.10 13.54 8.22
C PHE B 121 22.58 12.83 9.49
N ILE B 122 22.89 13.58 10.55
CA ILE B 122 23.35 12.98 11.80
C ILE B 122 22.46 13.44 12.94
N PHE B 123 22.10 12.49 13.81
CA PHE B 123 21.19 12.75 14.92
C PHE B 123 21.91 12.49 16.24
N PRO B 124 22.07 13.48 17.11
CA PRO B 124 22.63 13.22 18.42
C PRO B 124 21.69 12.36 19.24
N PRO B 125 22.17 11.73 20.30
CA PRO B 125 21.25 11.03 21.21
C PRO B 125 20.27 12.02 21.81
N SER B 126 19.05 11.57 22.02
CA SER B 126 18.08 12.43 22.69
C SER B 126 18.37 12.44 24.19
N ASP B 127 18.08 13.58 24.83
CA ASP B 127 18.22 13.66 26.28
C ASP B 127 17.33 12.63 26.97
N GLU B 128 16.25 12.25 26.32
CA GLU B 128 15.33 11.27 26.88
C GLU B 128 16.04 9.93 27.06
N GLN B 129 16.88 9.55 26.10
CA GLN B 129 17.61 8.29 26.23
C GLN B 129 18.79 8.45 27.17
N LEU B 130 19.44 9.60 27.14
CA LEU B 130 20.59 9.85 28.02
C LEU B 130 20.20 9.69 29.49
N LYS B 131 19.02 10.16 29.85
CA LYS B 131 18.64 9.99 31.24
C LYS B 131 18.31 8.54 31.59
N SER B 132 18.57 7.61 30.67
CA SER B 132 18.43 6.18 30.94
C SER B 132 19.76 5.45 30.96
N GLY B 133 20.88 6.15 30.73
CA GLY B 133 22.19 5.54 30.84
C GLY B 133 22.85 5.10 29.55
N THR B 134 22.19 5.24 28.40
CA THR B 134 22.78 4.87 27.12
C THR B 134 22.57 5.98 26.10
N ALA B 135 23.43 5.97 25.07
CA ALA B 135 23.41 6.97 24.02
C ALA B 135 23.54 6.29 22.66
N SER B 136 22.59 6.58 21.78
CA SER B 136 22.62 6.14 20.40
C SER B 136 22.78 7.36 19.50
N VAL B 137 23.76 7.30 18.60
CA VAL B 137 23.97 8.32 17.58
C VAL B 137 23.60 7.69 16.25
N VAL B 138 22.78 8.38 15.45
CA VAL B 138 22.25 7.81 14.23
C VAL B 138 22.72 8.63 13.05
N CYS B 139 23.16 7.95 12.00
CA CYS B 139 23.57 8.57 10.76
C CYS B 139 22.68 8.05 9.64
N LEU B 140 22.13 8.98 8.84
CA LEU B 140 21.20 8.64 7.77
C LEU B 140 21.81 8.98 6.41
N LEU B 141 21.80 8.01 5.51
CA LEU B 141 22.13 8.20 4.10
C LEU B 141 20.84 8.09 3.28
N ASN B 142 20.48 9.16 2.58
CA ASN B 142 19.20 9.25 1.89
C ASN B 142 19.40 9.14 0.38
N ASN B 143 18.73 8.16 -0.22
CA ASN B 143 18.46 8.05 -1.66
C ASN B 143 19.75 8.07 -2.49
N PHE B 144 20.52 6.97 -2.36
CA PHE B 144 21.74 6.79 -3.14
C PHE B 144 21.64 5.55 -4.02
N TYR B 145 22.55 5.47 -5.00
CA TYR B 145 22.66 4.33 -5.89
C TYR B 145 24.05 4.36 -6.48
N PRO B 146 24.78 3.24 -6.54
CA PRO B 146 24.32 1.90 -6.14
C PRO B 146 24.34 1.65 -4.64
N ARG B 147 24.05 0.41 -4.24
CA ARG B 147 23.86 0.08 -2.83
C ARG B 147 25.17 0.15 -2.05
N GLU B 148 26.30 -0.16 -2.66
CA GLU B 148 27.54 -0.20 -1.90
C GLU B 148 27.82 1.16 -1.28
N ALA B 149 28.11 1.16 0.02
CA ALA B 149 28.48 2.37 0.75
C ALA B 149 29.26 1.98 2.00
N LYS B 150 30.14 2.88 2.43
CA LYS B 150 30.90 2.70 3.66
C LYS B 150 30.63 3.87 4.59
N VAL B 151 30.13 3.57 5.79
CA VAL B 151 29.92 4.58 6.81
C VAL B 151 30.89 4.32 7.95
N GLN B 152 31.59 5.35 8.37
CA GLN B 152 32.51 5.24 9.49
C GLN B 152 32.19 6.30 10.52
N TRP B 153 32.35 5.95 11.79
CA TRP B 153 32.11 6.87 12.88
C TRP B 153 33.45 7.36 13.41
N LYS B 154 33.54 8.65 13.70
CA LYS B 154 34.75 9.24 14.28
C LYS B 154 34.32 10.12 15.45
N VAL B 155 34.90 9.86 16.62
CA VAL B 155 34.62 10.62 17.83
C VAL B 155 35.89 11.38 18.19
N ASP B 156 35.78 12.71 18.26
CA ASP B 156 36.97 13.54 18.41
C ASP B 156 38.07 13.02 17.50
N ASN B 157 37.67 12.73 16.26
CA ASN B 157 38.55 12.33 15.16
C ASN B 157 39.15 10.94 15.33
N ALA B 158 38.65 10.14 16.26
CA ALA B 158 39.13 8.78 16.46
C ALA B 158 38.18 7.81 15.78
N LEU B 159 38.67 7.09 14.78
CA LEU B 159 37.84 6.15 14.04
C LEU B 159 37.38 5.02 14.96
N GLN B 160 36.07 4.84 15.05
CA GLN B 160 35.45 3.87 15.94
C GLN B 160 35.48 2.47 15.32
N SER B 161 35.41 1.46 16.19
CA SER B 161 35.48 0.08 15.72
C SER B 161 34.69 -0.82 16.64
N GLY B 162 33.77 -1.62 16.07
CA GLY B 162 33.07 -2.61 16.84
C GLY B 162 31.81 -2.16 17.56
N ASN B 163 31.43 -0.88 17.48
CA ASN B 163 30.31 -0.39 18.28
C ASN B 163 29.20 0.24 17.43
N SER B 164 29.04 -0.19 16.17
CA SER B 164 27.96 0.33 15.36
C SER B 164 27.35 -0.77 14.50
N GLN B 165 26.11 -0.55 14.06
CA GLN B 165 25.40 -1.47 13.20
C GLN B 165 24.60 -0.69 12.16
N GLU B 166 24.38 -1.30 10.99
CA GLU B 166 23.70 -0.67 9.85
C GLU B 166 22.58 -1.54 9.33
N SER B 167 21.65 -0.89 8.63
CA SER B 167 20.57 -1.55 7.90
C SER B 167 20.23 -0.69 6.68
N VAL B 168 19.76 -1.33 5.62
N VAL B 168 19.77 -1.34 5.61
CA VAL B 168 19.50 -0.65 4.36
CA VAL B 168 19.48 -0.63 4.37
C VAL B 168 18.10 -1.01 3.86
C VAL B 168 18.10 -1.01 3.87
N THR B 169 17.42 -0.04 3.26
CA THR B 169 16.11 -0.30 2.70
C THR B 169 16.22 -1.00 1.35
N GLU B 170 15.10 -1.57 0.91
CA GLU B 170 14.97 -2.01 -0.47
C GLU B 170 14.82 -0.80 -1.40
N GLN B 171 14.97 -1.03 -2.70
CA GLN B 171 14.94 0.06 -3.66
C GLN B 171 13.65 0.86 -3.60
N ASP B 172 13.77 2.18 -3.66
CA ASP B 172 12.58 3.03 -3.63
C ASP B 172 11.77 2.84 -4.91
N SER B 173 10.44 2.80 -4.76
CA SER B 173 9.57 2.48 -5.89
C SER B 173 9.58 3.56 -6.96
N LYS B 174 9.88 4.81 -6.58
CA LYS B 174 9.79 5.94 -7.49
C LYS B 174 11.13 6.33 -8.12
N ASP B 175 12.23 6.34 -7.34
CA ASP B 175 13.53 6.74 -7.90
C ASP B 175 14.57 5.63 -7.82
N SER B 176 14.20 4.42 -7.42
CA SER B 176 15.07 3.24 -7.46
C SER B 176 16.35 3.43 -6.63
N THR B 177 16.30 4.24 -5.59
CA THR B 177 17.49 4.44 -4.75
C THR B 177 17.37 3.64 -3.45
N TYR B 178 18.46 3.58 -2.72
CA TYR B 178 18.48 3.01 -1.39
C TYR B 178 18.67 4.10 -0.36
N SER B 179 18.29 3.79 0.88
CA SER B 179 18.65 4.61 2.03
C SER B 179 19.24 3.68 3.08
N LEU B 180 20.00 4.26 3.99
CA LEU B 180 20.75 3.48 4.98
C LEU B 180 20.80 4.22 6.31
N SER B 181 20.64 3.47 7.41
N SER B 181 20.63 3.47 7.41
CA SER B 181 20.75 4.03 8.75
CA SER B 181 20.70 3.99 8.77
C SER B 181 21.83 3.29 9.52
C SER B 181 21.83 3.27 9.51
N SER B 182 22.69 4.05 10.21
CA SER B 182 23.74 3.49 11.04
C SER B 182 23.63 4.05 12.46
N THR B 183 23.81 3.17 13.45
CA THR B 183 23.66 3.53 14.85
C THR B 183 24.97 3.24 15.60
N LEU B 184 25.56 4.29 16.15
CA LEU B 184 26.71 4.18 17.05
C LEU B 184 26.20 4.15 18.49
N THR B 185 26.60 3.13 19.23
CA THR B 185 26.07 2.87 20.57
C THR B 185 27.16 3.11 21.60
N LEU B 186 26.85 3.97 22.57
CA LEU B 186 27.81 4.38 23.58
C LEU B 186 27.13 4.41 24.95
N SER B 187 27.92 4.23 26.00
CA SER B 187 27.42 4.48 27.34
C SER B 187 27.25 5.99 27.56
N LYS B 188 26.36 6.33 28.48
CA LYS B 188 26.15 7.75 28.77
C LYS B 188 27.45 8.39 29.23
N ALA B 189 28.23 7.68 30.06
CA ALA B 189 29.47 8.24 30.58
C ALA B 189 30.50 8.46 29.47
N ASP B 190 30.63 7.49 28.55
CA ASP B 190 31.55 7.69 27.43
C ASP B 190 31.07 8.84 26.55
N TYR B 191 29.78 8.87 26.24
CA TYR B 191 29.25 9.91 25.36
C TYR B 191 29.62 11.30 25.84
N GLU B 192 29.54 11.53 27.16
CA GLU B 192 29.74 12.85 27.72
C GLU B 192 31.20 13.25 27.87
N LYS B 193 32.14 12.37 27.58
CA LYS B 193 33.55 12.77 27.61
C LYS B 193 34.00 13.45 26.33
N HIS B 194 33.21 13.39 25.26
CA HIS B 194 33.73 13.76 23.96
C HIS B 194 32.91 14.89 23.36
N LYS B 195 33.57 15.62 22.46
CA LYS B 195 33.00 16.82 21.87
C LYS B 195 32.43 16.54 20.49
N VAL B 196 33.26 16.11 19.55
CA VAL B 196 32.87 16.03 18.16
C VAL B 196 32.43 14.62 17.83
N TYR B 197 31.21 14.50 17.31
CA TYR B 197 30.66 13.22 16.83
C TYR B 197 30.42 13.34 15.34
N ALA B 198 31.07 12.47 14.56
CA ALA B 198 31.10 12.62 13.11
C ALA B 198 30.74 11.31 12.42
N CYS B 199 30.03 11.45 11.30
CA CYS B 199 29.70 10.35 10.41
C CYS B 199 30.37 10.62 9.06
N GLU B 200 31.26 9.70 8.64
CA GLU B 200 32.02 9.86 7.40
C GLU B 200 31.55 8.84 6.38
N VAL B 201 31.12 9.31 5.21
CA VAL B 201 30.46 8.46 4.22
C VAL B 201 31.29 8.40 2.95
N THR B 202 31.56 7.19 2.48
CA THR B 202 32.22 6.94 1.20
C THR B 202 31.23 6.28 0.25
N HIS B 203 31.18 6.77 -0.99
CA HIS B 203 30.23 6.21 -1.97
C HIS B 203 30.73 6.51 -3.37
N GLN B 204 30.35 5.64 -4.31
CA GLN B 204 30.84 5.80 -5.68
C GLN B 204 30.45 7.15 -6.29
N GLY B 205 29.34 7.73 -5.84
CA GLY B 205 28.96 9.04 -6.33
C GLY B 205 29.74 10.21 -5.75
N LEU B 206 30.62 9.96 -4.77
CA LEU B 206 31.39 10.98 -4.08
C LEU B 206 32.86 10.89 -4.48
N SER B 207 33.41 12.01 -4.94
CA SER B 207 34.84 12.00 -5.27
C SER B 207 35.70 11.92 -4.01
N SER B 208 35.20 12.42 -2.90
CA SER B 208 35.89 12.32 -1.62
C SER B 208 34.84 12.11 -0.54
N PRO B 209 35.22 11.51 0.58
CA PRO B 209 34.24 11.22 1.64
C PRO B 209 33.59 12.49 2.19
N VAL B 210 32.33 12.36 2.54
CA VAL B 210 31.54 13.45 3.13
C VAL B 210 31.41 13.18 4.62
N THR B 211 31.58 14.23 5.42
CA THR B 211 31.50 14.12 6.87
C THR B 211 30.42 15.06 7.38
N LYS B 212 29.48 14.51 8.12
CA LYS B 212 28.52 15.30 8.87
C LYS B 212 28.77 15.10 10.35
N SER B 213 28.72 16.19 11.11
CA SER B 213 29.07 16.05 12.52
C SER B 213 28.26 17.05 13.34
N PHE B 214 28.35 16.88 14.65
CA PHE B 214 27.83 17.84 15.60
C PHE B 214 28.75 17.89 16.81
N ASN B 215 28.63 18.96 17.59
CA ASN B 215 29.36 19.11 18.83
C ASN B 215 28.37 18.92 19.97
N ARG B 216 28.62 17.93 20.82
CA ARG B 216 27.77 17.69 21.98
C ARG B 216 27.55 18.99 22.74
N GLY B 217 26.29 19.31 23.01
CA GLY B 217 25.94 20.61 23.54
C GLY B 217 25.70 21.66 22.48
N GLU B 218 25.54 21.26 21.22
CA GLU B 218 25.25 22.15 20.10
C GLU B 218 26.27 23.28 20.02
N GLU C 1 16.20 14.28 -3.47
CA GLU C 1 14.88 13.86 -3.91
C GLU C 1 13.89 15.04 -3.87
N VAL C 2 12.98 15.08 -4.84
CA VAL C 2 12.03 16.18 -4.98
C VAL C 2 10.87 15.97 -4.02
N GLN C 3 10.46 17.03 -3.32
CA GLN C 3 9.33 16.94 -2.41
C GLN C 3 8.46 18.19 -2.53
N LEU C 4 7.15 17.97 -2.60
N LEU C 4 7.15 17.97 -2.62
CA LEU C 4 6.14 19.03 -2.55
CA LEU C 4 6.15 19.04 -2.55
C LEU C 4 5.15 18.67 -1.44
C LEU C 4 5.15 18.68 -1.45
N VAL C 5 5.00 19.55 -0.46
CA VAL C 5 4.15 19.27 0.70
C VAL C 5 3.19 20.43 0.95
N GLU C 6 1.92 20.23 0.63
CA GLU C 6 0.91 21.23 0.91
C GLU C 6 0.51 21.18 2.38
N SER C 7 0.13 22.33 2.91
N SER C 7 0.16 22.34 2.92
CA SER C 7 -0.34 22.44 4.28
CA SER C 7 -0.35 22.43 4.27
C SER C 7 -1.25 23.66 4.38
C SER C 7 -1.29 23.62 4.35
N GLY C 8 -1.99 23.72 5.48
CA GLY C 8 -2.90 24.82 5.73
C GLY C 8 -4.37 24.51 5.50
N GLY C 9 -4.70 23.35 4.97
CA GLY C 9 -6.10 23.01 4.78
C GLY C 9 -6.79 22.71 6.10
N GLY C 10 -8.11 22.58 6.04
CA GLY C 10 -8.90 22.33 7.23
C GLY C 10 -10.33 22.78 7.00
N LEU C 11 -11.08 22.84 8.10
CA LEU C 11 -12.49 23.27 8.07
C LEU C 11 -12.55 24.78 8.24
N VAL C 12 -13.28 25.45 7.35
CA VAL C 12 -13.45 26.90 7.40
C VAL C 12 -14.87 27.19 6.94
N GLN C 13 -15.49 28.32 7.51
CA GLN C 13 -16.90 28.63 7.24
C GLN C 13 -17.05 29.54 6.02
N PRO C 14 -18.20 29.46 5.35
CA PRO C 14 -18.45 30.34 4.19
C PRO C 14 -18.10 31.78 4.49
N GLY C 15 -17.45 32.44 3.52
CA GLY C 15 -16.97 33.79 3.72
C GLY C 15 -15.66 33.91 4.46
N GLY C 16 -15.15 32.83 5.06
CA GLY C 16 -13.88 32.87 5.74
C GLY C 16 -12.70 32.88 4.78
N SER C 17 -11.49 32.80 5.36
CA SER C 17 -10.24 32.86 4.62
C SER C 17 -9.30 31.74 5.06
N LEU C 18 -8.40 31.38 4.16
CA LEU C 18 -7.44 30.34 4.49
C LEU C 18 -6.24 30.54 3.57
N LYS C 19 -5.03 30.36 4.10
CA LYS C 19 -3.84 30.44 3.26
C LYS C 19 -3.20 29.06 3.21
N LEU C 20 -3.09 28.51 2.01
CA LEU C 20 -2.40 27.24 1.81
C LEU C 20 -0.92 27.50 1.54
N SER C 21 -0.08 26.60 2.00
N SER C 21 -0.08 26.60 2.01
CA SER C 21 1.35 26.65 1.71
CA SER C 21 1.34 26.63 1.71
C SER C 21 1.78 25.35 1.05
C SER C 21 1.72 25.35 0.98
N CYS C 22 2.79 25.44 0.20
CA CYS C 22 3.35 24.29 -0.49
C CYS C 22 4.87 24.41 -0.39
N ALA C 23 5.43 23.74 0.60
CA ALA C 23 6.87 23.72 0.79
C ALA C 23 7.49 22.70 -0.16
N THR C 24 8.61 23.07 -0.81
CA THR C 24 9.25 22.20 -1.77
C THR C 24 10.75 22.11 -1.46
N SER C 25 11.36 21.04 -1.95
CA SER C 25 12.79 20.85 -1.79
C SER C 25 13.26 19.83 -2.82
N GLY C 26 14.57 19.83 -3.07
CA GLY C 26 15.20 18.87 -3.95
C GLY C 26 15.42 19.34 -5.37
N PHE C 27 15.10 20.59 -5.69
CA PHE C 27 15.26 21.08 -7.05
C PHE C 27 15.49 22.58 -7.01
N PRO C 28 16.21 23.14 -7.98
CA PRO C 28 16.34 24.60 -8.07
C PRO C 28 15.00 25.26 -8.31
N PHE C 29 14.64 26.19 -7.42
CA PHE C 29 13.29 26.74 -7.38
C PHE C 29 13.10 27.96 -8.29
N SER C 30 14.18 28.69 -8.60
CA SER C 30 14.07 30.06 -9.10
C SER C 30 13.35 30.14 -10.44
N ASN C 31 13.53 29.17 -11.31
CA ASN C 31 12.94 29.29 -12.63
C ASN C 31 11.91 28.19 -12.91
N VAL C 32 11.21 27.73 -11.88
CA VAL C 32 10.15 26.72 -12.01
C VAL C 32 8.78 27.41 -11.97
N TRP C 33 7.94 27.11 -12.95
CA TRP C 33 6.53 27.53 -12.89
C TRP C 33 5.72 26.54 -12.07
N LEU C 34 4.80 27.06 -11.25
CA LEU C 34 4.02 26.25 -10.31
C LEU C 34 2.54 26.59 -10.42
N HIS C 35 1.70 25.63 -10.04
CA HIS C 35 0.26 25.76 -10.12
C HIS C 35 -0.40 25.20 -8.86
N TRP C 36 -1.61 25.67 -8.61
CA TRP C 36 -2.55 25.02 -7.71
C TRP C 36 -3.65 24.39 -8.55
N VAL C 37 -3.94 23.13 -8.30
CA VAL C 37 -5.01 22.39 -8.94
C VAL C 37 -5.82 21.75 -7.84
N ARG C 38 -7.15 21.84 -7.92
CA ARG C 38 -8.01 21.28 -6.89
C ARG C 38 -8.93 20.22 -7.49
N GLN C 39 -9.51 19.41 -6.61
CA GLN C 39 -10.34 18.28 -7.04
C GLN C 39 -11.36 17.98 -5.95
N ALA C 40 -12.65 18.14 -6.26
CA ALA C 40 -13.73 17.72 -5.39
C ALA C 40 -13.96 16.22 -5.54
N SER C 41 -14.43 15.59 -4.48
CA SER C 41 -14.58 14.13 -4.54
C SER C 41 -15.55 13.76 -5.66
N GLY C 42 -15.19 12.73 -6.43
CA GLY C 42 -16.00 12.31 -7.55
C GLY C 42 -15.90 13.17 -8.79
N LYS C 43 -15.02 14.16 -8.80
CA LYS C 43 -14.88 15.03 -9.96
C LYS C 43 -13.42 15.05 -10.38
N GLY C 44 -13.18 15.58 -11.58
CA GLY C 44 -11.84 15.61 -12.13
C GLY C 44 -11.07 16.82 -11.64
N PRO C 45 -9.78 16.90 -11.99
CA PRO C 45 -8.97 18.05 -11.56
C PRO C 45 -9.47 19.35 -12.15
N GLU C 46 -9.36 20.43 -11.38
CA GLU C 46 -9.69 21.77 -11.87
C GLU C 46 -8.50 22.71 -11.67
N TRP C 47 -7.96 23.22 -12.76
CA TRP C 47 -6.86 24.18 -12.65
C TRP C 47 -7.35 25.45 -11.94
N VAL C 48 -6.55 25.94 -10.99
CA VAL C 48 -6.94 27.08 -10.15
C VAL C 48 -6.09 28.31 -10.43
N ALA C 49 -4.76 28.17 -10.41
CA ALA C 49 -3.90 29.34 -10.56
C ALA C 49 -2.50 28.90 -10.99
N HIS C 50 -1.79 29.84 -11.60
CA HIS C 50 -0.48 29.64 -12.20
C HIS C 50 0.39 30.84 -11.86
N ILE C 51 1.62 30.61 -11.43
CA ILE C 51 2.54 31.70 -11.15
C ILE C 51 3.87 31.42 -11.83
N LYS C 52 4.38 32.42 -12.53
CA LYS C 52 5.65 32.26 -13.23
C LYS C 52 6.77 32.75 -12.33
N ALA C 53 7.94 32.96 -12.93
CA ALA C 53 9.15 33.19 -12.18
C ALA C 53 9.54 34.67 -12.19
N LYS C 54 10.63 34.97 -11.48
CA LYS C 54 11.14 36.34 -11.44
C LYS C 54 11.41 36.87 -12.84
N SER C 55 12.11 36.09 -13.67
CA SER C 55 12.32 36.46 -15.06
C SER C 55 11.02 36.85 -15.73
N ASP C 56 9.90 36.32 -15.25
CA ASP C 56 8.61 36.61 -15.85
C ASP C 56 7.85 37.68 -15.08
N ASN C 57 8.51 38.39 -14.16
CA ASN C 57 7.84 39.36 -13.29
C ASN C 57 6.75 38.69 -12.44
N TYR C 58 6.95 37.44 -12.05
CA TYR C 58 6.01 36.75 -11.16
C TYR C 58 4.57 36.83 -11.67
N ALA C 59 4.39 36.79 -12.99
CA ALA C 59 3.05 36.87 -13.55
C ALA C 59 2.16 35.78 -12.94
N THR C 60 0.87 36.08 -12.79
CA THR C 60 -0.08 35.13 -12.22
C THR C 60 -1.32 35.07 -13.08
N TYR C 61 -1.98 33.91 -13.07
CA TYR C 61 -3.19 33.68 -13.85
C TYR C 61 -4.15 32.84 -13.01
N TYR C 62 -5.44 33.04 -13.22
CA TYR C 62 -6.45 32.49 -12.32
C TYR C 62 -7.65 31.94 -13.08
N ALA C 63 -8.26 30.89 -12.54
CA ALA C 63 -9.54 30.44 -13.04
C ALA C 63 -10.61 31.47 -12.74
N GLU C 64 -11.59 31.57 -13.65
CA GLU C 64 -12.64 32.58 -13.51
C GLU C 64 -13.35 32.46 -12.17
N SER C 65 -13.56 31.24 -11.69
CA SER C 65 -14.35 31.02 -10.48
C SER C 65 -13.65 31.50 -9.22
N VAL C 66 -12.36 31.84 -9.29
CA VAL C 66 -11.63 32.29 -8.09
C VAL C 66 -11.10 33.71 -8.23
N LYS C 67 -11.24 34.35 -9.39
CA LYS C 67 -10.71 35.70 -9.56
C LYS C 67 -11.25 36.64 -8.50
N GLY C 68 -10.40 37.52 -8.01
CA GLY C 68 -10.79 38.44 -6.97
C GLY C 68 -10.86 37.86 -5.58
N ARG C 69 -10.82 36.53 -5.44
CA ARG C 69 -10.89 35.89 -4.13
C ARG C 69 -9.59 35.21 -3.75
N PHE C 70 -8.91 34.57 -4.70
CA PHE C 70 -7.68 33.84 -4.41
C PHE C 70 -6.47 34.60 -4.92
N THR C 71 -5.33 34.39 -4.26
CA THR C 71 -4.07 34.97 -4.71
C THR C 71 -2.99 33.91 -4.63
N ILE C 72 -2.32 33.64 -5.77
CA ILE C 72 -1.19 32.74 -5.79
C ILE C 72 0.08 33.58 -5.65
N SER C 73 1.02 33.13 -4.82
CA SER C 73 2.24 33.86 -4.58
C SER C 73 3.35 32.88 -4.25
N ARG C 74 4.60 33.34 -4.32
CA ARG C 74 5.74 32.47 -4.05
C ARG C 74 6.80 33.23 -3.28
N ASP C 75 7.55 32.49 -2.47
CA ASP C 75 8.68 33.04 -1.72
C ASP C 75 9.91 32.25 -2.13
N ASP C 76 10.66 32.81 -3.09
CA ASP C 76 11.83 32.11 -3.63
C ASP C 76 12.87 31.85 -2.55
N SER C 77 12.91 32.66 -1.49
CA SER C 77 13.88 32.42 -0.44
C SER C 77 13.53 31.20 0.42
N LYS C 78 12.29 30.72 0.36
CA LYS C 78 11.85 29.56 1.11
C LYS C 78 11.40 28.40 0.22
N ASN C 79 11.57 28.50 -1.09
CA ASN C 79 11.13 27.49 -2.04
C ASN C 79 9.70 27.07 -1.76
N THR C 80 8.84 28.07 -1.50
CA THR C 80 7.45 27.85 -1.17
C THR C 80 6.56 28.68 -2.08
N VAL C 81 5.43 28.09 -2.47
CA VAL C 81 4.38 28.77 -3.20
C VAL C 81 3.12 28.72 -2.34
N TYR C 82 2.30 29.75 -2.44
CA TYR C 82 1.15 29.91 -1.56
C TYR C 82 -0.10 30.13 -2.40
N LEU C 83 -1.25 29.85 -1.78
CA LEU C 83 -2.57 30.19 -2.32
C LEU C 83 -3.38 30.81 -1.18
N GLN C 84 -3.61 32.11 -1.24
CA GLN C 84 -4.45 32.81 -0.27
C GLN C 84 -5.90 32.76 -0.75
N MET C 85 -6.81 32.28 0.10
CA MET C 85 -8.19 32.07 -0.32
C MET C 85 -9.10 32.91 0.58
N ASN C 86 -9.77 33.90 0.00
CA ASN C 86 -10.74 34.73 0.69
C ASN C 86 -12.15 34.45 0.18
N SER C 87 -13.13 34.90 0.96
CA SER C 87 -14.55 34.82 0.60
C SER C 87 -14.91 33.41 0.14
N LEU C 88 -14.46 32.43 0.93
CA LEU C 88 -14.62 31.03 0.58
C LEU C 88 -16.10 30.63 0.49
N LYS C 89 -16.37 29.67 -0.39
CA LYS C 89 -17.71 29.15 -0.65
C LYS C 89 -17.73 27.62 -0.48
N THR C 90 -18.93 27.09 -0.23
CA THR C 90 -19.00 25.64 -0.05
C THR C 90 -18.42 24.91 -1.25
N GLU C 91 -18.63 25.46 -2.46
CA GLU C 91 -18.17 24.79 -3.67
C GLU C 91 -16.65 24.88 -3.85
N ASP C 92 -15.95 25.63 -2.99
CA ASP C 92 -14.49 25.60 -2.98
C ASP C 92 -13.95 24.38 -2.23
N THR C 93 -14.83 23.58 -1.67
CA THR C 93 -14.41 22.37 -0.98
C THR C 93 -13.72 21.41 -1.94
N ALA C 94 -12.51 20.98 -1.59
CA ALA C 94 -11.78 20.08 -2.47
C ALA C 94 -10.41 19.81 -1.87
N VAL C 95 -9.72 18.83 -2.45
CA VAL C 95 -8.29 18.66 -2.19
C VAL C 95 -7.52 19.61 -3.09
N TYR C 96 -6.60 20.38 -2.51
CA TYR C 96 -5.80 21.34 -3.26
C TYR C 96 -4.37 20.82 -3.38
N TYR C 97 -3.89 20.68 -4.63
CA TYR C 97 -2.54 20.22 -4.95
C TYR C 97 -1.71 21.40 -5.44
N CYS C 98 -0.44 21.45 -5.04
CA CYS C 98 0.54 22.25 -5.77
C CYS C 98 1.30 21.31 -6.69
N THR C 99 1.73 21.83 -7.84
CA THR C 99 2.30 20.97 -8.86
C THR C 99 3.02 21.86 -9.87
N ASP C 100 3.97 21.27 -10.59
CA ASP C 100 4.47 21.89 -11.82
C ASP C 100 3.57 21.53 -13.01
N ILE C 101 2.44 20.90 -12.72
CA ILE C 101 1.38 20.47 -13.63
C ILE C 101 1.87 19.38 -14.57
N LEU C 102 3.10 18.87 -14.34
CA LEU C 102 3.62 17.78 -15.16
C LEU C 102 3.93 16.45 -14.46
N GLU C 103 5.17 16.25 -14.01
CA GLU C 103 5.46 15.00 -13.32
C GLU C 103 5.33 15.10 -11.80
N TYR C 104 5.36 16.30 -11.23
CA TYR C 104 5.50 16.45 -9.80
C TYR C 104 4.26 17.10 -9.21
N TRP C 105 3.56 16.37 -8.36
CA TRP C 105 2.39 16.84 -7.64
C TRP C 105 2.60 16.53 -6.17
N GLY C 106 2.13 17.41 -5.29
CA GLY C 106 2.13 17.10 -3.88
C GLY C 106 1.05 16.08 -3.54
N GLN C 107 0.96 15.81 -2.24
CA GLN C 107 -0.05 14.90 -1.75
C GLN C 107 -1.41 15.57 -1.59
N GLY C 108 -1.46 16.89 -1.54
CA GLY C 108 -2.76 17.55 -1.42
C GLY C 108 -3.11 17.86 0.03
N THR C 109 -3.87 18.94 0.21
CA THR C 109 -4.40 19.33 1.51
C THR C 109 -5.90 19.57 1.36
N LEU C 110 -6.71 18.96 2.23
CA LEU C 110 -8.16 18.99 2.07
C LEU C 110 -8.75 20.25 2.70
N VAL C 111 -9.55 20.98 1.91
CA VAL C 111 -10.20 22.18 2.40
C VAL C 111 -11.70 21.92 2.42
N THR C 112 -12.30 22.06 3.61
CA THR C 112 -13.74 21.88 3.76
C THR C 112 -14.34 23.23 4.14
N VAL C 113 -15.24 23.72 3.29
CA VAL C 113 -15.96 24.97 3.51
C VAL C 113 -17.39 24.62 3.89
N SER C 114 -17.77 24.91 5.13
CA SER C 114 -19.05 24.46 5.64
C SER C 114 -19.35 25.17 6.95
N SER C 115 -20.64 25.31 7.24
CA SER C 115 -21.05 25.87 8.52
C SER C 115 -21.13 24.80 9.59
N ALA C 116 -20.95 23.53 9.24
CA ALA C 116 -21.08 22.44 10.20
C ALA C 116 -19.90 22.39 11.17
N SER C 117 -20.17 21.88 12.38
CA SER C 117 -19.22 21.78 13.47
C SER C 117 -18.48 20.45 13.43
N THR C 118 -17.25 20.46 13.94
CA THR C 118 -16.49 19.23 14.05
C THR C 118 -17.15 18.24 15.00
N LYS C 119 -17.15 16.97 14.60
CA LYS C 119 -17.66 15.91 15.45
C LYS C 119 -16.90 14.62 15.17
N GLY C 120 -16.38 13.98 16.21
CA GLY C 120 -15.77 12.68 16.05
C GLY C 120 -16.85 11.62 15.93
N PRO C 121 -16.54 10.48 15.31
CA PRO C 121 -17.58 9.47 15.06
C PRO C 121 -17.82 8.58 16.28
N SER C 122 -19.01 7.98 16.28
CA SER C 122 -19.25 6.80 17.08
C SER C 122 -18.91 5.57 16.25
N VAL C 123 -18.43 4.54 16.93
CA VAL C 123 -17.99 3.33 16.25
C VAL C 123 -18.80 2.16 16.80
N PHE C 124 -19.58 1.52 15.94
CA PHE C 124 -20.42 0.42 16.37
C PHE C 124 -19.99 -0.88 15.70
N PRO C 125 -20.08 -2.01 16.41
CA PRO C 125 -19.61 -3.27 15.82
C PRO C 125 -20.65 -3.86 14.87
N LEU C 126 -20.16 -4.42 13.77
CA LEU C 126 -20.99 -5.23 12.87
C LEU C 126 -20.65 -6.69 13.17
N ALA C 127 -21.47 -7.32 14.01
CA ALA C 127 -21.07 -8.60 14.58
C ALA C 127 -21.29 -9.73 13.59
N PRO C 128 -20.34 -10.66 13.48
CA PRO C 128 -20.58 -11.86 12.67
C PRO C 128 -21.71 -12.67 13.27
N SER C 129 -22.62 -13.14 12.41
CA SER C 129 -23.84 -13.81 12.85
C SER C 129 -24.14 -14.95 11.88
N SER C 130 -25.31 -15.59 12.06
CA SER C 130 -25.78 -16.55 11.07
C SER C 130 -26.30 -15.83 9.82
N LYS C 131 -26.77 -14.58 10.00
CA LYS C 131 -27.24 -13.74 8.90
C LYS C 131 -26.10 -13.17 8.08
N SER C 132 -24.86 -13.33 8.54
CA SER C 132 -23.67 -12.90 7.82
C SER C 132 -22.66 -14.06 7.70
N THR C 133 -23.16 -15.22 7.26
N THR C 133 -23.17 -15.22 7.25
CA THR C 133 -22.34 -16.39 7.05
CA THR C 133 -22.35 -16.42 7.08
C THR C 133 -22.95 -17.24 5.94
C THR C 133 -22.94 -17.28 5.97
N SER C 134 -22.15 -17.57 4.93
CA SER C 134 -22.60 -18.41 3.83
C SER C 134 -21.41 -19.15 3.24
N GLY C 135 -21.55 -20.47 3.07
CA GLY C 135 -20.50 -21.26 2.46
C GLY C 135 -19.19 -21.22 3.20
N GLY C 136 -19.22 -21.32 4.53
CA GLY C 136 -18.00 -21.28 5.31
C GLY C 136 -17.35 -19.92 5.43
N THR C 137 -18.00 -18.86 4.98
CA THR C 137 -17.44 -17.51 5.01
C THR C 137 -18.34 -16.62 5.86
N ALA C 138 -17.77 -15.95 6.85
CA ALA C 138 -18.48 -15.01 7.69
C ALA C 138 -17.98 -13.60 7.42
N ALA C 139 -18.81 -12.60 7.71
CA ALA C 139 -18.48 -11.21 7.52
C ALA C 139 -18.70 -10.46 8.82
N LEU C 140 -17.83 -9.50 9.10
CA LEU C 140 -17.94 -8.67 10.30
C LEU C 140 -17.32 -7.32 10.00
N GLY C 141 -17.58 -6.34 10.87
CA GLY C 141 -17.02 -5.03 10.60
C GLY C 141 -17.35 -4.00 11.66
N CYS C 142 -17.10 -2.74 11.28
CA CYS C 142 -17.35 -1.58 12.12
C CYS C 142 -18.07 -0.52 11.29
N LEU C 143 -19.08 0.08 11.92
CA LEU C 143 -19.81 1.20 11.36
C LEU C 143 -19.30 2.46 12.04
N VAL C 144 -18.72 3.37 11.24
CA VAL C 144 -18.16 4.62 11.75
C VAL C 144 -19.16 5.70 11.36
N LYS C 145 -19.99 6.10 12.32
CA LYS C 145 -21.16 6.90 12.02
C LYS C 145 -21.05 8.32 12.57
N ASP C 146 -21.54 9.27 11.78
CA ASP C 146 -21.78 10.65 12.22
C ASP C 146 -20.48 11.37 12.61
N TYR C 147 -19.62 11.58 11.62
CA TYR C 147 -18.44 12.40 11.86
C TYR C 147 -18.37 13.51 10.83
N PHE C 148 -17.58 14.53 11.15
CA PHE C 148 -17.38 15.68 10.27
C PHE C 148 -16.19 16.47 10.80
N PRO C 149 -15.30 16.97 9.92
CA PRO C 149 -15.31 16.74 8.48
C PRO C 149 -14.58 15.45 8.12
N GLU C 150 -14.41 15.17 6.82
CA GLU C 150 -13.48 14.12 6.45
C GLU C 150 -12.06 14.53 6.84
N PRO C 151 -11.13 13.58 6.97
CA PRO C 151 -11.37 12.16 6.74
C PRO C 151 -11.20 11.29 7.98
N VAL C 152 -11.51 10.00 7.81
N VAL C 152 -11.54 10.02 7.79
CA VAL C 152 -11.33 9.00 8.86
CA VAL C 152 -11.35 8.99 8.77
C VAL C 152 -10.61 7.80 8.27
C VAL C 152 -10.42 7.95 8.16
N THR C 153 -9.63 7.29 9.00
CA THR C 153 -8.82 6.15 8.58
C THR C 153 -9.18 4.97 9.45
N VAL C 154 -9.19 3.77 8.87
CA VAL C 154 -9.53 2.54 9.58
C VAL C 154 -8.48 1.48 9.30
N SER C 155 -8.06 0.77 10.34
CA SER C 155 -7.23 -0.41 10.19
C SER C 155 -7.83 -1.52 11.04
N TRP C 156 -7.39 -2.76 10.79
CA TRP C 156 -7.86 -3.89 11.56
C TRP C 156 -6.68 -4.57 12.23
N ASN C 157 -6.83 -4.87 13.52
CA ASN C 157 -5.77 -5.47 14.32
C ASN C 157 -4.46 -4.71 14.10
N SER C 158 -4.57 -3.39 14.23
CA SER C 158 -3.43 -2.47 14.16
C SER C 158 -2.63 -2.67 12.88
N GLY C 159 -3.30 -3.02 11.79
CA GLY C 159 -2.66 -3.18 10.50
C GLY C 159 -2.22 -4.60 10.20
N ALA C 160 -2.27 -5.50 11.17
CA ALA C 160 -1.85 -6.88 10.91
C ALA C 160 -2.81 -7.60 9.97
N LEU C 161 -4.10 -7.23 10.00
CA LEU C 161 -5.14 -7.90 9.23
C LEU C 161 -5.52 -7.03 8.03
N THR C 162 -5.21 -7.50 6.82
CA THR C 162 -5.53 -6.70 5.64
C THR C 162 -6.24 -7.49 4.54
N SER C 163 -5.90 -8.75 4.36
CA SER C 163 -6.56 -9.54 3.32
C SER C 163 -8.04 -9.71 3.66
N GLY C 164 -8.90 -9.48 2.66
CA GLY C 164 -10.34 -9.59 2.83
C GLY C 164 -11.00 -8.36 3.39
N VAL C 165 -10.24 -7.32 3.75
CA VAL C 165 -10.79 -6.10 4.32
C VAL C 165 -11.37 -5.21 3.23
N HIS C 166 -12.52 -4.61 3.51
CA HIS C 166 -13.11 -3.59 2.64
C HIS C 166 -13.50 -2.39 3.48
N THR C 167 -12.82 -1.27 3.30
CA THR C 167 -13.19 -0.01 3.94
C THR C 167 -13.81 0.85 2.84
N PHE C 168 -15.09 1.13 2.97
CA PHE C 168 -15.85 1.76 1.89
C PHE C 168 -15.70 3.28 1.90
N PRO C 169 -15.93 3.93 0.76
CA PRO C 169 -15.99 5.40 0.77
C PRO C 169 -17.08 5.86 1.73
N ALA C 170 -16.78 6.95 2.44
CA ALA C 170 -17.79 7.57 3.29
C ALA C 170 -18.94 8.09 2.43
N VAL C 171 -20.12 8.14 3.03
CA VAL C 171 -21.28 8.78 2.44
C VAL C 171 -21.64 10.00 3.29
N LEU C 172 -22.03 11.07 2.63
CA LEU C 172 -22.45 12.29 3.33
C LEU C 172 -23.97 12.18 3.55
N GLN C 173 -24.37 12.10 4.82
CA GLN C 173 -25.78 11.92 5.15
C GLN C 173 -26.55 13.24 4.99
N SER C 174 -27.87 13.13 4.96
CA SER C 174 -28.68 14.33 4.79
C SER C 174 -28.51 15.30 5.96
N SER C 175 -28.05 14.82 7.12
CA SER C 175 -27.75 15.70 8.24
C SER C 175 -26.49 16.53 8.02
N GLY C 176 -25.74 16.28 6.96
CA GLY C 176 -24.45 16.92 6.79
C GLY C 176 -23.30 16.22 7.50
N LEU C 177 -23.53 15.07 8.12
CA LEU C 177 -22.50 14.27 8.75
C LEU C 177 -22.12 13.09 7.87
N TYR C 178 -20.86 12.66 7.97
CA TYR C 178 -20.37 11.54 7.17
C TYR C 178 -20.52 10.23 7.93
N SER C 179 -20.56 9.13 7.18
CA SER C 179 -20.63 7.80 7.76
C SER C 179 -19.97 6.80 6.81
N LEU C 180 -19.19 5.88 7.38
CA LEU C 180 -18.63 4.81 6.56
C LEU C 180 -18.59 3.50 7.33
N SER C 181 -18.36 2.42 6.59
CA SER C 181 -18.26 1.12 7.20
C SER C 181 -17.00 0.44 6.69
N SER C 182 -16.43 -0.40 7.54
CA SER C 182 -15.28 -1.22 7.18
C SER C 182 -15.63 -2.64 7.58
N VAL C 183 -15.50 -3.57 6.64
CA VAL C 183 -15.84 -4.95 6.92
C VAL C 183 -14.64 -5.81 6.61
N VAL C 184 -14.71 -7.05 7.06
CA VAL C 184 -13.74 -8.06 6.67
C VAL C 184 -14.47 -9.39 6.63
N THR C 185 -14.16 -10.21 5.61
CA THR C 185 -14.70 -11.57 5.60
C THR C 185 -13.65 -12.50 6.19
N VAL C 186 -14.12 -13.55 6.84
CA VAL C 186 -13.24 -14.49 7.55
C VAL C 186 -13.81 -15.89 7.44
N PRO C 187 -12.94 -16.90 7.50
CA PRO C 187 -13.45 -18.27 7.62
C PRO C 187 -14.36 -18.39 8.84
N SER C 188 -15.54 -18.97 8.62
CA SER C 188 -16.50 -19.08 9.70
C SER C 188 -15.94 -19.90 10.86
N SER C 189 -15.14 -20.94 10.55
CA SER C 189 -14.70 -21.88 11.58
C SER C 189 -13.89 -21.26 12.70
N SER C 190 -13.19 -20.16 12.44
CA SER C 190 -12.25 -19.60 13.40
C SER C 190 -12.83 -18.45 14.21
N LEU C 191 -14.12 -18.16 14.06
CA LEU C 191 -14.74 -17.05 14.79
C LEU C 191 -14.55 -17.14 16.29
N GLY C 192 -14.30 -18.32 16.84
CA GLY C 192 -14.24 -18.42 18.28
C GLY C 192 -12.85 -18.31 18.84
N THR C 193 -11.83 -18.48 17.99
CA THR C 193 -10.44 -18.41 18.39
C THR C 193 -9.71 -17.15 17.94
N GLN C 194 -10.32 -16.29 17.13
CA GLN C 194 -9.63 -15.11 16.60
C GLN C 194 -10.31 -13.85 17.09
N THR C 195 -9.50 -12.83 17.37
CA THR C 195 -9.98 -11.53 17.78
C THR C 195 -9.84 -10.50 16.66
N TYR C 196 -10.89 -9.70 16.49
CA TYR C 196 -10.96 -8.68 15.45
C TYR C 196 -11.22 -7.32 16.10
N ILE C 197 -10.31 -6.37 15.90
CA ILE C 197 -10.44 -5.01 16.43
C ILE C 197 -10.23 -4.04 15.27
N CYS C 198 -11.21 -3.17 15.04
CA CYS C 198 -11.04 -2.07 14.09
C CYS C 198 -10.46 -0.85 14.80
N ASN C 199 -9.49 -0.20 14.15
CA ASN C 199 -8.80 0.98 14.67
C ASN C 199 -9.21 2.19 13.85
N VAL C 200 -10.02 3.08 14.43
CA VAL C 200 -10.58 4.23 13.73
C VAL C 200 -9.87 5.50 14.18
N ASN C 201 -9.45 6.31 13.22
CA ASN C 201 -8.76 7.57 13.51
C ASN C 201 -9.44 8.72 12.80
N HIS C 202 -9.78 9.76 13.56
CA HIS C 202 -10.41 10.98 13.02
C HIS C 202 -9.61 12.17 13.54
N LYS C 203 -8.57 12.56 12.80
CA LYS C 203 -7.69 13.61 13.29
C LYS C 203 -8.41 14.93 13.56
N PRO C 204 -9.39 15.38 12.75
CA PRO C 204 -10.02 16.67 13.04
C PRO C 204 -10.63 16.79 14.44
N SER C 205 -11.05 15.70 15.05
CA SER C 205 -11.55 15.72 16.42
C SER C 205 -10.57 15.09 17.40
N ASN C 206 -9.40 14.66 16.93
CA ASN C 206 -8.43 13.96 17.76
C ASN C 206 -9.08 12.74 18.42
N THR C 207 -9.92 12.04 17.65
CA THR C 207 -10.59 10.82 18.09
C THR C 207 -9.79 9.60 17.61
N LYS C 208 -9.48 8.71 18.54
CA LYS C 208 -8.91 7.40 18.23
C LYS C 208 -9.75 6.37 18.96
N VAL C 209 -10.34 5.43 18.23
CA VAL C 209 -11.24 4.44 18.83
C VAL C 209 -10.74 3.06 18.41
N ASP C 210 -10.72 2.13 19.37
CA ASP C 210 -10.51 0.71 19.11
C ASP C 210 -11.77 -0.02 19.51
N LYS C 211 -12.30 -0.86 18.62
CA LYS C 211 -13.54 -1.57 18.86
C LYS C 211 -13.33 -3.05 18.56
N LYS C 212 -13.47 -3.87 19.59
CA LYS C 212 -13.45 -5.31 19.40
C LYS C 212 -14.82 -5.74 18.89
N VAL C 213 -14.81 -6.53 17.83
CA VAL C 213 -16.03 -7.05 17.24
C VAL C 213 -16.12 -8.51 17.62
N GLU C 214 -17.17 -8.90 18.33
CA GLU C 214 -17.24 -10.26 18.81
C GLU C 214 -18.49 -10.94 18.25
N PRO C 215 -18.43 -12.27 18.10
CA PRO C 215 -19.57 -12.99 17.52
C PRO C 215 -20.86 -12.69 18.26
N LYS C 216 -21.95 -12.63 17.50
CA LYS C 216 -23.29 -12.37 18.02
C LYS C 216 -23.68 -13.34 19.15
N ASP D 1 -14.01 29.26 -23.62
CA ASP D 1 -12.94 28.41 -23.12
C ASP D 1 -12.74 27.23 -24.06
N VAL D 2 -11.72 26.42 -23.81
CA VAL D 2 -11.49 25.22 -24.59
C VAL D 2 -12.09 24.04 -23.83
N VAL D 3 -13.03 23.33 -24.47
CA VAL D 3 -13.69 22.20 -23.83
C VAL D 3 -13.03 20.92 -24.29
N MET D 4 -12.65 20.09 -23.31
CA MET D 4 -12.03 18.80 -23.53
C MET D 4 -13.05 17.73 -23.22
N THR D 5 -13.30 16.84 -24.17
CA THR D 5 -14.23 15.76 -23.98
C THR D 5 -13.48 14.44 -24.15
N GLN D 6 -14.03 13.38 -23.55
CA GLN D 6 -13.41 12.08 -23.63
C GLN D 6 -14.46 11.00 -23.82
N SER D 7 -14.05 9.88 -24.42
CA SER D 7 -14.90 8.70 -24.50
C SER D 7 -14.02 7.46 -24.58
N PRO D 8 -14.52 6.29 -24.14
CA PRO D 8 -15.84 6.19 -23.50
C PRO D 8 -15.77 6.69 -22.07
N LEU D 9 -16.88 6.61 -21.33
CA LEU D 9 -16.86 6.94 -19.91
C LEU D 9 -16.21 5.85 -19.09
N SER D 10 -16.40 4.60 -19.49
CA SER D 10 -15.82 3.45 -18.81
C SER D 10 -15.30 2.48 -19.85
N LEU D 11 -14.19 1.81 -19.55
CA LEU D 11 -13.60 0.85 -20.48
C LEU D 11 -13.10 -0.35 -19.69
N PRO D 12 -13.87 -1.44 -19.65
CA PRO D 12 -13.34 -2.70 -19.11
C PRO D 12 -12.42 -3.35 -20.13
N VAL D 13 -11.25 -3.78 -19.70
CA VAL D 13 -10.30 -4.42 -20.59
C VAL D 13 -9.85 -5.74 -19.97
N THR D 14 -9.95 -6.80 -20.73
CA THR D 14 -9.44 -8.07 -20.24
C THR D 14 -7.92 -8.01 -20.16
N PRO D 15 -7.31 -8.48 -19.07
CA PRO D 15 -5.85 -8.33 -18.92
C PRO D 15 -5.12 -8.85 -20.13
N GLY D 16 -4.09 -8.13 -20.55
CA GLY D 16 -3.30 -8.52 -21.69
C GLY D 16 -3.86 -8.08 -23.03
N GLU D 17 -5.06 -7.49 -23.07
CA GLU D 17 -5.62 -7.03 -24.32
C GLU D 17 -5.37 -5.55 -24.50
N PRO D 18 -5.51 -5.02 -25.72
CA PRO D 18 -5.22 -3.61 -25.96
C PRO D 18 -6.38 -2.73 -25.51
N ALA D 19 -6.03 -1.48 -25.22
CA ALA D 19 -7.00 -0.44 -24.90
C ALA D 19 -6.76 0.79 -25.76
N SER D 20 -7.85 1.48 -26.08
CA SER D 20 -7.77 2.73 -26.85
C SER D 20 -8.83 3.66 -26.29
N ILE D 21 -8.42 4.86 -25.85
CA ILE D 21 -9.35 5.83 -25.31
C ILE D 21 -9.17 7.17 -26.02
N SER D 22 -10.26 7.93 -26.13
CA SER D 22 -10.30 9.12 -26.97
C SER D 22 -10.50 10.40 -26.18
N CYS D 23 -9.95 11.48 -26.74
CA CYS D 23 -10.06 12.84 -26.24
C CYS D 23 -10.24 13.76 -27.43
N ARG D 24 -11.00 14.84 -27.24
CA ARG D 24 -11.23 15.82 -28.29
C ARG D 24 -11.22 17.21 -27.67
N SER D 25 -10.59 18.16 -28.35
CA SER D 25 -10.61 19.55 -27.92
C SER D 25 -11.50 20.37 -28.84
N SER D 26 -12.06 21.45 -28.30
CA SER D 26 -12.96 22.29 -29.08
C SER D 26 -12.23 23.24 -30.02
N ARG D 27 -10.92 23.43 -29.87
CA ARG D 27 -10.14 24.13 -30.87
C ARG D 27 -8.75 23.51 -30.97
N SER D 28 -8.03 23.91 -32.01
CA SER D 28 -6.70 23.38 -32.23
C SER D 28 -5.80 23.69 -31.04
N LEU D 29 -4.91 22.75 -30.71
CA LEU D 29 -3.94 22.94 -29.64
C LEU D 29 -2.51 23.03 -30.17
N LEU D 30 -2.35 23.27 -31.47
CA LEU D 30 -1.04 23.53 -32.07
C LEU D 30 -0.52 24.93 -31.73
N THR D 31 0.76 25.01 -31.37
CA THR D 31 1.41 26.30 -31.15
C THR D 31 2.16 26.74 -32.40
N SER D 32 2.59 28.01 -32.39
CA SER D 32 3.36 28.55 -33.50
C SER D 32 4.53 27.64 -33.84
N LYS D 33 4.97 26.82 -32.88
CA LYS D 33 6.02 25.85 -33.09
C LYS D 33 5.36 24.51 -33.36
N GLY D 34 6.13 23.44 -33.42
CA GLY D 34 5.50 22.16 -33.68
C GLY D 34 4.71 21.53 -32.54
N ILE D 35 4.56 22.19 -31.39
CA ILE D 35 4.06 21.55 -30.18
C ILE D 35 2.53 21.51 -30.18
N THR D 36 1.99 20.37 -29.79
CA THR D 36 0.56 20.23 -29.50
C THR D 36 0.40 20.13 -28.00
N SER D 37 -0.33 21.08 -27.42
CA SER D 37 -0.46 21.25 -25.97
C SER D 37 -1.58 20.35 -25.42
N LEU D 38 -1.31 19.04 -25.46
CA LEU D 38 -2.25 18.04 -24.98
C LEU D 38 -1.50 17.04 -24.11
N TYR D 39 -2.07 16.72 -22.95
CA TYR D 39 -1.37 15.97 -21.92
C TYR D 39 -2.29 14.91 -21.33
N TRP D 40 -1.73 13.74 -21.03
CA TRP D 40 -2.47 12.60 -20.50
C TRP D 40 -1.98 12.24 -19.11
N TYR D 41 -2.93 12.02 -18.18
CA TYR D 41 -2.67 11.64 -16.80
C TYR D 41 -3.47 10.38 -16.46
N LEU D 42 -2.89 9.56 -15.58
CA LEU D 42 -3.59 8.47 -14.94
C LEU D 42 -3.71 8.80 -13.47
N GLN D 43 -4.91 8.67 -12.90
CA GLN D 43 -5.10 8.93 -11.48
C GLN D 43 -5.71 7.70 -10.82
N LYS D 44 -5.04 7.20 -9.82
CA LYS D 44 -5.52 6.08 -9.04
C LYS D 44 -6.15 6.59 -7.75
N PRO D 45 -7.06 5.81 -7.16
CA PRO D 45 -7.80 6.31 -5.99
C PRO D 45 -6.85 6.74 -4.89
N GLY D 46 -7.17 7.88 -4.28
CA GLY D 46 -6.36 8.45 -3.21
C GLY D 46 -5.04 9.06 -3.64
N GLN D 47 -4.67 9.00 -4.92
CA GLN D 47 -3.40 9.52 -5.39
C GLN D 47 -3.60 10.76 -6.23
N SER D 48 -2.52 11.51 -6.42
CA SER D 48 -2.57 12.60 -7.36
C SER D 48 -2.42 12.09 -8.79
N PRO D 49 -2.74 12.91 -9.78
CA PRO D 49 -2.59 12.46 -11.17
C PRO D 49 -1.14 12.22 -11.51
N GLN D 50 -0.90 11.16 -12.28
CA GLN D 50 0.42 10.80 -12.75
C GLN D 50 0.47 11.12 -14.23
N LEU D 51 1.44 11.94 -14.63
CA LEU D 51 1.62 12.25 -16.04
C LEU D 51 2.09 11.00 -16.79
N LEU D 52 1.44 10.70 -17.93
CA LEU D 52 1.85 9.59 -18.77
C LEU D 52 2.43 10.05 -20.11
N ILE D 53 1.77 11.00 -20.75
CA ILE D 53 2.16 11.47 -22.07
C ILE D 53 2.06 12.98 -22.06
N TYR D 54 3.11 13.66 -22.51
CA TYR D 54 3.10 15.11 -22.57
C TYR D 54 3.27 15.57 -24.02
N ARG D 55 2.63 16.70 -24.34
CA ARG D 55 2.65 17.26 -25.69
C ARG D 55 2.34 16.16 -26.71
N MET D 56 1.16 15.58 -26.53
CA MET D 56 0.47 14.68 -27.44
C MET D 56 1.06 13.27 -27.55
N SER D 57 2.39 13.15 -27.67
CA SER D 57 2.99 11.88 -28.05
C SER D 57 4.27 11.53 -27.29
N ASN D 58 4.72 12.33 -26.34
CA ASN D 58 5.98 12.09 -25.66
C ASN D 58 5.73 11.36 -24.35
N LEU D 59 6.39 10.22 -24.18
CA LEU D 59 6.23 9.41 -22.98
C LEU D 59 6.97 10.06 -21.82
N ALA D 60 6.30 10.17 -20.66
CA ALA D 60 6.96 10.67 -19.46
C ALA D 60 8.00 9.67 -18.98
N SER D 61 8.96 10.14 -18.18
CA SER D 61 10.06 9.26 -17.79
C SER D 61 9.55 8.11 -16.94
N GLY D 62 10.05 6.90 -17.23
CA GLY D 62 9.66 5.73 -16.49
C GLY D 62 8.38 5.07 -16.94
N ILE D 63 7.63 5.70 -17.85
CA ILE D 63 6.36 5.13 -18.32
C ILE D 63 6.66 4.07 -19.38
N PRO D 64 6.15 2.84 -19.22
CA PRO D 64 6.41 1.80 -20.22
C PRO D 64 5.92 2.20 -21.61
N ASP D 65 6.67 1.78 -22.64
CA ASP D 65 6.24 2.13 -23.99
C ASP D 65 5.11 1.22 -24.51
N ARG D 66 4.48 0.45 -23.62
CA ARG D 66 3.14 -0.07 -23.90
C ARG D 66 2.15 1.05 -24.15
N PHE D 67 2.45 2.25 -23.64
CA PHE D 67 1.63 3.46 -23.82
C PHE D 67 2.13 4.25 -25.02
N SER D 68 1.19 4.82 -25.76
CA SER D 68 1.52 5.73 -26.85
C SER D 68 0.38 6.72 -27.00
N GLY D 69 0.71 7.90 -27.48
CA GLY D 69 -0.26 8.95 -27.67
C GLY D 69 -0.16 9.50 -29.06
N SER D 70 -1.30 9.88 -29.62
CA SER D 70 -1.32 10.42 -30.97
C SER D 70 -2.44 11.43 -31.09
N GLY D 71 -2.50 12.09 -32.24
CA GLY D 71 -3.57 13.02 -32.54
C GLY D 71 -3.63 13.38 -34.00
N SER D 72 -4.84 13.71 -34.46
CA SER D 72 -5.08 14.18 -35.83
C SER D 72 -6.03 15.37 -35.66
N GLY D 73 -5.48 16.57 -35.78
CA GLY D 73 -6.27 17.80 -35.66
C GLY D 73 -6.73 18.00 -34.23
N THR D 74 -8.02 17.76 -33.94
CA THR D 74 -8.57 17.97 -32.60
C THR D 74 -9.04 16.67 -31.96
N ASP D 75 -8.67 15.53 -32.54
CA ASP D 75 -9.00 14.22 -31.99
C ASP D 75 -7.69 13.55 -31.57
N PHE D 76 -7.63 13.14 -30.31
CA PHE D 76 -6.44 12.57 -29.70
C PHE D 76 -6.74 11.20 -29.14
N THR D 77 -5.73 10.33 -29.13
CA THR D 77 -5.95 8.95 -28.74
C THR D 77 -4.80 8.49 -27.87
N LEU D 78 -5.13 7.89 -26.74
CA LEU D 78 -4.13 7.18 -25.95
C LEU D 78 -4.36 5.69 -26.14
N LYS D 79 -3.29 4.95 -26.40
CA LYS D 79 -3.38 3.52 -26.59
C LYS D 79 -2.48 2.80 -25.61
N ILE D 80 -2.94 1.64 -25.14
CA ILE D 80 -2.15 0.72 -24.34
C ILE D 80 -2.06 -0.59 -25.12
N SER D 81 -0.82 -1.05 -25.35
CA SER D 81 -0.63 -2.24 -26.17
C SER D 81 -1.24 -3.48 -25.52
N ARG D 82 -0.95 -3.70 -24.25
CA ARG D 82 -1.50 -4.82 -23.50
C ARG D 82 -1.69 -4.34 -22.08
N VAL D 83 -2.92 -4.40 -21.59
CA VAL D 83 -3.23 -3.82 -20.27
C VAL D 83 -2.63 -4.70 -19.19
N GLU D 84 -1.98 -4.06 -18.21
CA GLU D 84 -1.46 -4.71 -17.01
C GLU D 84 -2.14 -4.10 -15.78
N ALA D 85 -1.98 -4.76 -14.63
CA ALA D 85 -2.80 -4.45 -13.47
C ALA D 85 -2.59 -3.03 -12.99
N GLU D 86 -1.36 -2.53 -13.06
CA GLU D 86 -1.07 -1.18 -12.60
C GLU D 86 -1.66 -0.12 -13.53
N ASP D 87 -2.33 -0.50 -14.60
CA ASP D 87 -2.88 0.45 -15.56
C ASP D 87 -4.26 0.97 -15.19
N VAL D 88 -4.94 0.35 -14.23
CA VAL D 88 -6.31 0.73 -13.92
C VAL D 88 -6.36 2.07 -13.21
N GLY D 89 -7.44 2.81 -13.44
CA GLY D 89 -7.62 4.11 -12.85
C GLY D 89 -8.41 5.00 -13.80
N VAL D 90 -8.39 6.30 -13.51
CA VAL D 90 -9.07 7.28 -14.36
C VAL D 90 -8.03 8.01 -15.21
N TYR D 91 -8.23 7.98 -16.53
CA TYR D 91 -7.36 8.67 -17.48
C TYR D 91 -7.98 10.03 -17.84
N TYR D 92 -7.16 11.08 -17.74
CA TYR D 92 -7.56 12.44 -18.08
C TYR D 92 -6.66 13.00 -19.16
N CYS D 93 -7.26 13.72 -20.12
CA CYS D 93 -6.49 14.57 -21.01
C CYS D 93 -6.64 16.02 -20.55
N ALA D 94 -5.72 16.86 -20.98
CA ALA D 94 -5.75 18.26 -20.55
C ALA D 94 -5.04 19.11 -21.58
N GLN D 95 -5.47 20.37 -21.70
CA GLN D 95 -4.82 21.37 -22.54
C GLN D 95 -4.25 22.49 -21.69
N PHE D 96 -3.02 22.88 -21.99
CA PHE D 96 -2.31 23.93 -21.28
C PHE D 96 -1.90 25.05 -22.24
N LEU D 97 -2.80 25.39 -23.16
CA LEU D 97 -2.54 26.42 -24.15
C LEU D 97 -3.38 27.67 -23.88
N VAL D 98 -4.71 27.55 -23.87
CA VAL D 98 -5.62 28.69 -23.66
C VAL D 98 -5.96 28.79 -22.19
N TYR D 99 -5.66 29.97 -21.61
CA TYR D 99 -5.30 30.09 -20.20
C TYR D 99 -6.33 29.66 -19.18
N PRO D 100 -7.57 29.56 -19.52
CA PRO D 100 -8.38 28.78 -18.56
C PRO D 100 -8.01 27.32 -18.81
N TYR D 101 -6.88 26.86 -18.28
CA TYR D 101 -6.45 25.49 -18.54
C TYR D 101 -7.54 24.53 -18.08
N THR D 102 -7.79 23.50 -18.89
CA THR D 102 -8.96 22.63 -18.68
C THR D 102 -8.57 21.17 -18.85
N PHE D 103 -9.31 20.30 -18.14
CA PHE D 103 -9.19 18.84 -18.18
C PHE D 103 -10.46 18.23 -18.76
N GLY D 104 -10.32 17.07 -19.41
CA GLY D 104 -11.46 16.28 -19.82
C GLY D 104 -12.12 15.67 -18.59
N PRO D 105 -13.29 15.04 -18.77
CA PRO D 105 -14.03 14.52 -17.60
C PRO D 105 -13.48 13.21 -17.06
N GLY D 106 -12.61 12.52 -17.78
CA GLY D 106 -11.98 11.30 -17.35
C GLY D 106 -12.62 10.07 -17.98
N THR D 107 -11.79 9.05 -18.21
CA THR D 107 -12.23 7.72 -18.67
C THR D 107 -11.74 6.69 -17.67
N LYS D 108 -12.66 5.90 -17.12
CA LYS D 108 -12.31 4.89 -16.13
C LYS D 108 -11.91 3.60 -16.82
N VAL D 109 -10.67 3.16 -16.59
CA VAL D 109 -10.19 1.88 -17.13
C VAL D 109 -10.19 0.87 -15.99
N GLU D 110 -10.89 -0.25 -16.19
CA GLU D 110 -10.99 -1.33 -15.21
C GLU D 110 -10.62 -2.66 -15.87
N ILE D 111 -10.39 -3.67 -15.04
CA ILE D 111 -10.14 -5.02 -15.55
C ILE D 111 -11.48 -5.70 -15.81
N LYS D 112 -11.63 -6.27 -17.01
CA LYS D 112 -12.79 -7.08 -17.37
C LYS D 112 -12.59 -8.53 -16.94
N ARG D 113 -13.66 -9.14 -16.40
CA ARG D 113 -13.61 -10.53 -15.95
C ARG D 113 -15.00 -11.15 -16.11
N THR D 114 -15.10 -12.43 -15.80
CA THR D 114 -16.38 -13.12 -15.93
C THR D 114 -17.37 -12.61 -14.89
N VAL D 115 -18.66 -12.73 -15.20
CA VAL D 115 -19.69 -12.33 -14.26
C VAL D 115 -19.57 -13.14 -12.98
N ALA D 116 -19.65 -12.46 -11.85
CA ALA D 116 -19.61 -13.09 -10.53
C ALA D 116 -20.69 -12.46 -9.66
N ALA D 117 -21.67 -13.28 -9.24
CA ALA D 117 -22.73 -12.78 -8.38
C ALA D 117 -22.19 -12.51 -6.97
N PRO D 118 -22.76 -11.53 -6.27
CA PRO D 118 -22.32 -11.27 -4.90
C PRO D 118 -22.89 -12.26 -3.91
N SER D 119 -22.13 -12.48 -2.85
CA SER D 119 -22.71 -13.05 -1.64
C SER D 119 -23.18 -11.89 -0.77
N VAL D 120 -24.32 -12.08 -0.11
CA VAL D 120 -25.02 -11.00 0.56
C VAL D 120 -25.06 -11.30 2.06
N PHE D 121 -24.77 -10.28 2.87
CA PHE D 121 -24.81 -10.37 4.32
C PHE D 121 -25.59 -9.18 4.87
N ILE D 122 -26.36 -9.41 5.94
CA ILE D 122 -27.17 -8.37 6.56
C ILE D 122 -26.79 -8.26 8.03
N PHE D 123 -26.65 -7.03 8.51
CA PHE D 123 -26.27 -6.77 9.91
C PHE D 123 -27.35 -5.95 10.61
N PRO D 124 -28.00 -6.49 11.65
CA PRO D 124 -28.93 -5.67 12.43
C PRO D 124 -28.20 -4.58 13.18
N PRO D 125 -28.91 -3.55 13.66
CA PRO D 125 -28.26 -2.58 14.53
C PRO D 125 -27.69 -3.27 15.76
N SER D 126 -26.55 -2.77 16.22
CA SER D 126 -25.91 -3.29 17.41
C SER D 126 -26.64 -2.81 18.65
N ASP D 127 -26.52 -3.57 19.74
CA ASP D 127 -27.03 -3.05 21.00
C ASP D 127 -26.35 -1.75 21.38
N GLU D 128 -25.08 -1.55 21.00
CA GLU D 128 -24.43 -0.29 21.34
C GLU D 128 -25.08 0.89 20.64
N GLN D 129 -25.48 0.72 19.37
CA GLN D 129 -26.11 1.83 18.68
C GLN D 129 -27.55 2.02 19.12
N LEU D 130 -28.24 0.92 19.43
CA LEU D 130 -29.61 1.06 19.91
C LEU D 130 -29.66 1.91 21.18
N LYS D 131 -28.72 1.70 22.11
CA LYS D 131 -28.74 2.54 23.29
C LYS D 131 -28.22 3.94 23.00
N SER D 132 -27.99 4.29 21.73
CA SER D 132 -27.58 5.64 21.38
C SER D 132 -28.69 6.40 20.66
N GLY D 133 -29.86 5.79 20.48
CA GLY D 133 -31.02 6.49 19.93
C GLY D 133 -31.25 6.31 18.45
N THR D 134 -30.38 5.58 17.77
CA THR D 134 -30.54 5.39 16.33
C THR D 134 -30.35 3.92 16.01
N ALA D 135 -30.83 3.53 14.83
CA ALA D 135 -30.74 2.17 14.35
C ALA D 135 -30.28 2.20 12.89
N SER D 136 -29.16 1.57 12.61
CA SER D 136 -28.66 1.41 11.25
C SER D 136 -28.64 -0.07 10.91
N VAL D 137 -29.23 -0.42 9.77
CA VAL D 137 -29.16 -1.78 9.24
C VAL D 137 -28.22 -1.75 8.05
N VAL D 138 -27.29 -2.70 8.00
CA VAL D 138 -26.26 -2.68 6.99
C VAL D 138 -26.41 -3.92 6.14
N CYS D 139 -26.31 -3.74 4.83
CA CYS D 139 -26.30 -4.84 3.88
C CYS D 139 -24.99 -4.80 3.11
N LEU D 140 -24.30 -5.94 3.05
CA LEU D 140 -23.00 -6.05 2.40
C LEU D 140 -23.13 -7.01 1.21
N LEU D 141 -22.68 -6.55 0.03
CA LEU D 141 -22.53 -7.40 -1.15
C LEU D 141 -21.04 -7.62 -1.38
N ASN D 142 -20.60 -8.88 -1.38
CA ASN D 142 -19.16 -9.18 -1.40
C ASN D 142 -18.71 -9.74 -2.76
N ASN D 143 -17.70 -9.10 -3.35
CA ASN D 143 -16.89 -9.61 -4.46
C ASN D 143 -17.75 -10.07 -5.66
N PHE D 144 -18.37 -9.08 -6.31
CA PHE D 144 -19.18 -9.30 -7.51
C PHE D 144 -18.60 -8.54 -8.71
N TYR D 145 -19.09 -8.90 -9.90
CA TYR D 145 -18.70 -8.24 -11.14
C TYR D 145 -19.77 -8.55 -12.18
N PRO D 146 -20.22 -7.57 -12.96
CA PRO D 146 -19.70 -6.19 -12.98
C PRO D 146 -20.20 -5.31 -11.84
N ARG D 147 -19.81 -4.03 -11.90
CA ARG D 147 -20.05 -3.12 -10.78
C ARG D 147 -21.54 -2.82 -10.58
N GLU D 148 -22.33 -2.78 -11.65
CA GLU D 148 -23.73 -2.42 -11.50
C GLU D 148 -24.45 -3.45 -10.62
N ALA D 149 -25.18 -2.95 -9.62
CA ALA D 149 -25.98 -3.79 -8.74
C ALA D 149 -27.12 -2.93 -8.19
N LYS D 150 -28.22 -3.57 -7.82
CA LYS D 150 -29.35 -2.84 -7.26
C LYS D 150 -29.68 -3.41 -5.89
N VAL D 151 -29.68 -2.56 -4.88
CA VAL D 151 -30.04 -2.95 -3.52
C VAL D 151 -31.31 -2.19 -3.15
N GLN D 152 -32.29 -2.92 -2.62
CA GLN D 152 -33.53 -2.33 -2.15
C GLN D 152 -33.81 -2.79 -0.72
N TRP D 153 -34.38 -1.90 0.09
CA TRP D 153 -34.71 -2.19 1.48
C TRP D 153 -36.23 -2.36 1.64
N LYS D 154 -36.64 -3.37 2.40
CA LYS D 154 -38.06 -3.60 2.65
C LYS D 154 -38.27 -3.83 4.13
N VAL D 155 -39.15 -3.03 4.74
CA VAL D 155 -39.47 -3.13 6.16
C VAL D 155 -40.92 -3.59 6.26
N ASP D 156 -41.14 -4.74 6.91
CA ASP D 156 -42.46 -5.34 6.94
C ASP D 156 -43.08 -5.30 5.55
N ASN D 157 -42.27 -5.67 4.55
CA ASN D 157 -42.66 -5.79 3.14
C ASN D 157 -42.95 -4.45 2.48
N ALA D 158 -42.63 -3.33 3.12
CA ALA D 158 -42.82 -2.01 2.53
C ALA D 158 -41.50 -1.49 2.00
N LEU D 159 -41.44 -1.24 0.69
CA LEU D 159 -40.23 -0.74 0.04
C LEU D 159 -39.85 0.64 0.58
N GLN D 160 -38.62 0.75 1.06
CA GLN D 160 -38.12 2.00 1.61
C GLN D 160 -37.57 2.89 0.50
N SER D 161 -37.63 4.20 0.73
CA SER D 161 -37.14 5.16 -0.25
C SER D 161 -36.70 6.42 0.50
N GLY D 162 -35.49 6.89 0.22
CA GLY D 162 -35.02 8.11 0.81
C GLY D 162 -34.31 7.97 2.14
N ASN D 163 -34.17 6.76 2.68
CA ASN D 163 -33.57 6.60 3.99
C ASN D 163 -32.40 5.61 3.98
N SER D 164 -31.76 5.41 2.83
CA SER D 164 -30.58 4.56 2.76
C SER D 164 -29.58 5.18 1.81
N GLN D 165 -28.32 4.81 2.01
CA GLN D 165 -27.21 5.26 1.18
C GLN D 165 -26.22 4.13 1.00
N GLU D 166 -25.53 4.15 -0.14
CA GLU D 166 -24.59 3.08 -0.47
C GLU D 166 -23.29 3.67 -0.98
N SER D 167 -22.22 2.87 -0.91
CA SER D 167 -20.98 3.20 -1.59
C SER D 167 -20.28 1.90 -1.96
N VAL D 168 -19.30 2.00 -2.84
CA VAL D 168 -18.71 0.85 -3.51
C VAL D 168 -17.20 0.97 -3.50
N THR D 169 -16.52 -0.15 -3.25
CA THR D 169 -15.07 -0.13 -3.24
C THR D 169 -14.52 -0.06 -4.65
N GLU D 170 -13.24 0.29 -4.73
CA GLU D 170 -12.55 0.18 -5.99
C GLU D 170 -12.29 -1.30 -6.31
N GLN D 171 -11.99 -1.57 -7.57
CA GLN D 171 -11.81 -2.93 -8.04
C GLN D 171 -10.70 -3.63 -7.24
N ASP D 172 -10.97 -4.86 -6.82
CA ASP D 172 -9.98 -5.62 -6.06
C ASP D 172 -8.80 -6.02 -6.93
N SER D 173 -7.59 -5.89 -6.38
CA SER D 173 -6.39 -6.09 -7.19
C SER D 173 -6.20 -7.53 -7.61
N LYS D 174 -6.69 -8.50 -6.83
CA LYS D 174 -6.41 -9.88 -7.18
C LYS D 174 -7.52 -10.56 -7.96
N ASP D 175 -8.80 -10.35 -7.64
CA ASP D 175 -9.86 -11.01 -8.36
C ASP D 175 -10.74 -10.06 -9.16
N SER D 176 -10.40 -8.78 -9.22
CA SER D 176 -11.08 -7.83 -10.08
C SER D 176 -12.58 -7.68 -9.76
N THR D 177 -12.99 -7.90 -8.51
CA THR D 177 -14.39 -7.71 -8.16
C THR D 177 -14.59 -6.39 -7.43
N TYR D 178 -15.86 -6.06 -7.23
CA TYR D 178 -16.29 -4.98 -6.37
C TYR D 178 -17.01 -5.52 -5.14
N SER D 179 -17.09 -4.68 -4.11
CA SER D 179 -17.93 -4.92 -2.96
C SER D 179 -18.78 -3.69 -2.73
N LEU D 180 -19.89 -3.86 -1.98
CA LEU D 180 -20.83 -2.76 -1.82
C LEU D 180 -21.45 -2.83 -0.43
N SER D 181 -21.62 -1.65 0.18
CA SER D 181 -22.24 -1.49 1.48
C SER D 181 -23.41 -0.53 1.35
N SER D 182 -24.58 -0.93 1.84
CA SER D 182 -25.74 -0.05 1.92
C SER D 182 -26.24 0.03 3.36
N THR D 183 -26.58 1.25 3.81
CA THR D 183 -26.98 1.47 5.20
C THR D 183 -28.38 2.05 5.25
N LEU D 184 -29.30 1.31 5.86
CA LEU D 184 -30.65 1.80 6.14
C LEU D 184 -30.66 2.42 7.53
N THR D 185 -31.07 3.69 7.64
CA THR D 185 -31.01 4.43 8.90
C THR D 185 -32.41 4.81 9.37
N LEU D 186 -32.73 4.44 10.61
CA LEU D 186 -34.01 4.74 11.24
C LEU D 186 -33.75 5.24 12.65
N SER D 187 -34.71 6.01 13.19
CA SER D 187 -34.62 6.28 14.61
C SER D 187 -34.90 5.00 15.39
N LYS D 188 -34.40 4.95 16.63
CA LYS D 188 -34.64 3.77 17.45
C LYS D 188 -36.13 3.54 17.67
N ALA D 189 -36.89 4.62 17.89
CA ALA D 189 -38.33 4.46 18.11
C ALA D 189 -38.99 3.87 16.87
N ASP D 190 -38.56 4.33 15.70
CA ASP D 190 -39.09 3.80 14.45
C ASP D 190 -38.74 2.33 14.30
N TYR D 191 -37.47 1.98 14.54
CA TYR D 191 -37.00 0.61 14.41
C TYR D 191 -37.87 -0.36 15.21
N GLU D 192 -38.30 0.04 16.40
CA GLU D 192 -39.01 -0.89 17.27
C GLU D 192 -40.48 -1.05 16.90
N LYS D 193 -40.97 -0.29 15.92
CA LYS D 193 -42.32 -0.42 15.40
C LYS D 193 -42.45 -1.50 14.34
N HIS D 194 -41.36 -2.09 13.89
CA HIS D 194 -41.39 -2.99 12.74
C HIS D 194 -40.72 -4.32 13.07
N LYS D 195 -41.12 -5.36 12.35
CA LYS D 195 -40.61 -6.70 12.63
C LYS D 195 -39.56 -7.15 11.62
N VAL D 196 -39.91 -7.20 10.33
CA VAL D 196 -39.06 -7.83 9.30
C VAL D 196 -38.23 -6.78 8.61
N TYR D 197 -36.91 -6.98 8.60
CA TYR D 197 -35.98 -6.09 7.91
C TYR D 197 -35.26 -6.89 6.83
N ALA D 198 -35.39 -6.46 5.59
CA ALA D 198 -34.91 -7.24 4.46
C ALA D 198 -34.09 -6.36 3.51
N CYS D 199 -33.05 -6.96 2.95
CA CYS D 199 -32.21 -6.39 1.92
C CYS D 199 -32.36 -7.25 0.66
N GLU D 200 -32.82 -6.64 -0.43
CA GLU D 200 -33.10 -7.35 -1.68
C GLU D 200 -32.12 -6.91 -2.76
N VAL D 201 -31.42 -7.88 -3.35
CA VAL D 201 -30.30 -7.62 -4.24
C VAL D 201 -30.57 -8.20 -5.63
N THR D 202 -30.28 -7.41 -6.65
N THR D 202 -30.38 -7.38 -6.66
CA THR D 202 -30.40 -7.81 -8.05
CA THR D 202 -30.36 -7.88 -8.03
C THR D 202 -29.07 -7.53 -8.76
C THR D 202 -29.01 -7.60 -8.65
N HIS D 203 -28.59 -8.50 -9.53
CA HIS D 203 -27.29 -8.39 -10.19
C HIS D 203 -27.27 -9.29 -11.40
N GLN D 204 -26.42 -8.94 -12.37
CA GLN D 204 -26.41 -9.70 -13.62
C GLN D 204 -26.08 -11.15 -13.38
N GLY D 205 -25.32 -11.43 -12.33
CA GLY D 205 -24.99 -12.80 -11.97
C GLY D 205 -26.10 -13.56 -11.27
N LEU D 206 -27.22 -12.90 -10.97
CA LEU D 206 -28.33 -13.50 -10.25
C LEU D 206 -29.50 -13.67 -11.21
N SER D 207 -30.00 -14.91 -11.33
CA SER D 207 -31.16 -15.15 -12.18
C SER D 207 -32.43 -14.60 -11.56
N SER D 208 -32.47 -14.48 -10.25
CA SER D 208 -33.60 -13.91 -9.53
C SER D 208 -33.08 -13.13 -8.33
N PRO D 209 -33.84 -12.18 -7.83
CA PRO D 209 -33.38 -11.35 -6.71
C PRO D 209 -33.06 -12.19 -5.48
N VAL D 210 -32.02 -11.78 -4.76
CA VAL D 210 -31.61 -12.40 -3.51
C VAL D 210 -32.03 -11.51 -2.36
N THR D 211 -32.59 -12.12 -1.31
CA THR D 211 -33.07 -11.43 -0.11
C THR D 211 -32.42 -11.98 1.15
N LYS D 212 -31.75 -11.13 1.92
CA LYS D 212 -31.33 -11.47 3.26
C LYS D 212 -32.15 -10.66 4.25
N SER D 213 -32.63 -11.30 5.30
CA SER D 213 -33.55 -10.63 6.20
C SER D 213 -33.41 -11.18 7.61
N PHE D 214 -33.92 -10.42 8.58
CA PHE D 214 -34.00 -10.88 9.95
C PHE D 214 -35.27 -10.31 10.57
N ASN D 215 -35.65 -10.88 11.71
CA ASN D 215 -36.76 -10.42 12.54
C ASN D 215 -36.17 -9.71 13.75
N ARG D 216 -36.51 -8.44 13.90
CA ARG D 216 -36.08 -7.69 15.08
C ARG D 216 -36.38 -8.49 16.33
N GLY D 217 -35.38 -8.65 17.19
CA GLY D 217 -35.54 -9.50 18.36
C GLY D 217 -35.18 -10.96 18.16
N GLU D 218 -34.45 -11.29 17.08
CA GLU D 218 -33.97 -12.65 16.86
C GLU D 218 -32.66 -12.86 17.63
N CYS D 219 -32.11 -14.07 17.51
CA CYS D 219 -30.78 -14.45 18.01
C CYS D 219 -30.76 -15.89 18.50
N PHE E 3 7.89 -39.17 -8.71
CA PHE E 3 7.63 -39.89 -9.95
C PHE E 3 6.61 -39.17 -10.83
N GLU E 4 5.61 -38.54 -10.19
CA GLU E 4 4.55 -37.86 -10.90
C GLU E 4 4.28 -36.50 -10.26
N ASP E 5 3.62 -35.63 -11.02
CA ASP E 5 3.29 -34.28 -10.58
C ASP E 5 1.81 -34.05 -10.87
N ALA E 6 0.99 -33.99 -9.83
CA ALA E 6 -0.44 -33.76 -9.97
C ALA E 6 -0.89 -32.53 -9.18
N HIS E 7 0.02 -31.58 -8.96
CA HIS E 7 -0.30 -30.46 -8.08
C HIS E 7 -1.29 -29.52 -8.71
N VAL E 8 -1.12 -29.20 -9.99
CA VAL E 8 -2.12 -28.35 -10.64
C VAL E 8 -3.50 -28.96 -10.49
N GLU E 9 -3.60 -30.28 -10.66
CA GLU E 9 -4.89 -30.94 -10.63
C GLU E 9 -5.49 -31.02 -9.23
N HIS E 10 -4.71 -30.77 -8.17
CA HIS E 10 -5.24 -30.71 -6.80
C HIS E 10 -5.11 -29.33 -6.19
N SER E 11 -4.98 -28.29 -7.02
CA SER E 11 -4.80 -26.95 -6.52
C SER E 11 -6.13 -26.32 -6.16
N ILE E 12 -6.05 -25.21 -5.41
CA ILE E 12 -7.25 -24.42 -5.13
C ILE E 12 -7.83 -23.89 -6.43
N SER E 13 -6.96 -23.53 -7.36
CA SER E 13 -7.39 -23.04 -8.67
C SER E 13 -8.26 -24.08 -9.38
N ARG E 14 -7.82 -25.33 -9.39
CA ARG E 14 -8.60 -26.37 -10.05
C ARG E 14 -9.94 -26.59 -9.34
N SER E 15 -9.94 -26.53 -8.01
CA SER E 15 -11.16 -26.79 -7.27
C SER E 15 -12.25 -25.79 -7.63
N LEU E 16 -11.86 -24.62 -8.13
CA LEU E 16 -12.82 -23.58 -8.46
C LEU E 16 -13.51 -23.80 -9.81
N LEU E 17 -13.18 -24.85 -10.54
CA LEU E 17 -13.80 -25.08 -11.84
C LEU E 17 -14.83 -26.20 -11.80
N SER F 2 -2.90 32.00 -25.26
CA SER F 2 -3.57 31.37 -26.40
C SER F 2 -2.60 31.09 -27.54
N PHE F 3 -1.31 31.13 -27.26
CA PHE F 3 -0.39 31.07 -28.40
C PHE F 3 0.79 30.12 -28.20
N GLU F 4 1.35 30.04 -26.98
CA GLU F 4 2.56 29.23 -26.77
C GLU F 4 2.46 28.36 -25.52
N ASP F 5 3.29 27.32 -25.50
CA ASP F 5 3.36 26.36 -24.40
C ASP F 5 4.83 26.19 -24.02
N ALA F 6 5.19 26.70 -22.85
CA ALA F 6 6.56 26.61 -22.36
C ALA F 6 6.63 25.87 -21.02
N HIS F 7 5.67 24.97 -20.77
CA HIS F 7 5.58 24.34 -19.45
C HIS F 7 6.73 23.36 -19.20
N VAL F 8 7.04 22.50 -20.18
CA VAL F 8 8.16 21.58 -20.01
C VAL F 8 9.44 22.34 -19.67
N GLU F 9 9.64 23.48 -20.32
CA GLU F 9 10.89 24.23 -20.18
C GLU F 9 11.00 24.91 -18.81
N HIS F 10 9.90 25.05 -18.07
CA HIS F 10 9.93 25.60 -16.72
C HIS F 10 9.50 24.60 -15.66
N SER F 11 9.57 23.30 -15.99
CA SER F 11 9.13 22.24 -15.10
C SER F 11 10.20 21.88 -14.08
N ILE F 12 9.80 21.15 -13.04
CA ILE F 12 10.79 20.66 -12.08
C ILE F 12 11.76 19.71 -12.77
N SER F 13 11.25 18.89 -13.69
CA SER F 13 12.09 17.96 -14.43
C SER F 13 13.22 18.68 -15.15
N ARG F 14 12.90 19.80 -15.82
CA ARG F 14 13.95 20.55 -16.50
C ARG F 14 14.93 21.16 -15.51
N SER F 15 14.42 21.63 -14.36
CA SER F 15 15.30 22.27 -13.39
C SER F 15 16.36 21.31 -12.86
N LEU F 16 16.11 20.00 -12.92
CA LEU F 16 17.07 19.03 -12.43
C LEU F 16 18.19 18.73 -13.42
N LEU F 17 18.14 19.28 -14.63
CA LEU F 17 19.17 19.04 -15.63
C LEU F 17 20.05 20.28 -15.78
N GLU F 18 21.31 20.05 -16.14
CA GLU F 18 22.31 21.11 -16.20
C GLU F 18 22.66 21.63 -14.80
C1 GOL G . -5.13 -14.29 0.90
O1 GOL G . -5.97 -14.84 1.89
C2 GOL G . -5.64 -14.85 -0.43
O2 GOL G . -4.98 -14.32 -1.53
C3 GOL G . -5.39 -16.37 -0.33
O3 GOL G . -4.08 -16.52 -0.77
H11 GOL G . -4.19 -14.54 1.02
H12 GOL G . -5.14 -13.32 0.88
HO1 GOL G . -5.46 -15.19 2.48
H2 GOL G . -6.58 -14.64 -0.54
HO2 GOL G . -4.17 -14.20 -1.32
H31 GOL G . -6.04 -16.84 -0.85
H32 GOL G . -5.53 -16.66 0.59
HO3 GOL G . -4.12 -16.47 -1.63
C1 GOL H . 13.31 -13.82 12.96
O1 GOL H . 12.24 -13.07 13.50
C2 GOL H . 13.59 -13.24 11.58
O2 GOL H . 14.94 -13.23 11.28
C3 GOL H . 12.80 -14.17 10.61
O3 GOL H . 13.28 -15.47 10.78
H11 GOL H . 13.09 -14.76 12.89
H12 GOL H . 14.11 -13.77 13.51
HO1 GOL H . 11.55 -13.56 13.43
H2 GOL H . 13.28 -12.33 11.51
HO2 GOL H . 15.23 -14.02 11.42
H31 GOL H . 12.90 -13.82 9.70
H32 GOL H . 11.86 -14.07 10.81
HO3 GOL H . 13.57 -15.74 10.01
C1 GOL I . 20.49 0.52 13.01
O1 GOL I . 20.56 1.92 12.61
C2 GOL I . 18.97 0.15 13.24
O2 GOL I . 18.45 0.81 14.33
C3 GOL I . 18.36 0.55 11.87
O3 GOL I . 17.02 0.18 11.89
H11 GOL I . 20.99 0.34 13.82
H12 GOL I . 20.86 -0.08 12.33
HO1 GOL I . 20.95 1.95 11.85
H2 GOL I . 18.81 -0.79 13.45
HO2 GOL I . 19.07 1.30 14.65
H31 GOL I . 18.87 0.11 11.17
H32 GOL I . 18.49 1.50 11.73
HO3 GOL I . 16.93 -0.47 11.33
C1 GOL J . 2.74 -9.51 -11.98
O1 GOL J . 1.64 -9.67 -11.16
C2 GOL J . 3.73 -8.63 -11.23
O2 GOL J . 3.85 -8.97 -9.90
C3 GOL J . 5.06 -8.90 -11.98
O3 GOL J . 5.15 -8.04 -13.10
H11 GOL J . 2.51 -9.10 -12.83
H12 GOL J . 3.17 -10.35 -12.21
HO1 GOL J . 1.82 -9.25 -10.44
H2 GOL J . 3.45 -7.71 -11.25
HO2 GOL J . 4.25 -9.72 -9.86
H31 GOL J . 5.09 -9.84 -12.21
H32 GOL J . 5.78 -8.78 -11.35
HO3 GOL J . 5.11 -8.54 -13.80
ZN ZN K . 14.48 9.49 1.03
ZN ZN L . 37.31 12.83 23.07
C1 GOL M . 19.21 -24.99 -0.45
O1 GOL M . 19.55 -24.61 0.83
C2 GOL M . 20.47 -24.92 -1.39
O2 GOL M . 20.87 -26.15 -1.83
C3 GOL M . 19.93 -23.98 -2.51
O3 GOL M . 20.53 -24.32 -3.70
H11 GOL M . 18.51 -24.43 -0.82
H12 GOL M . 18.86 -25.90 -0.48
HO1 GOL M . 19.60 -25.33 1.28
H2 GOL M . 21.26 -24.57 -0.95
HO2 GOL M . 21.49 -26.00 -2.40
H31 GOL M . 20.13 -23.06 -2.25
H32 GOL M . 18.97 -24.04 -2.53
HO3 GOL M . 20.92 -23.62 -3.97
C1 GOL N . 33.69 6.04 22.93
O1 GOL N . 33.46 5.53 24.20
C2 GOL N . 35.14 6.62 22.88
O2 GOL N . 36.06 5.72 23.33
C3 GOL N . 35.26 6.99 21.40
O3 GOL N . 36.60 7.00 21.12
H11 GOL N . 33.07 6.74 22.70
H12 GOL N . 33.60 5.37 22.24
HO1 GOL N . 34.21 5.42 24.56
H2 GOL N . 35.27 7.38 23.45
HO2 GOL N . 36.59 5.56 22.70
H31 GOL N . 34.82 7.84 21.25
H32 GOL N . 34.76 6.34 20.87
HO3 GOL N . 36.84 7.81 21.26
ZN ZN O . 3.63 -3.59 -15.76
C1 GOL P . -14.96 15.62 0.25
O1 GOL P . -14.86 16.33 1.46
C2 GOL P . -13.55 15.62 -0.38
O2 GOL P . -13.37 14.71 -1.40
C3 GOL P . -13.44 17.07 -0.92
O3 GOL P . -14.38 17.19 -2.00
H11 GOL P . -15.59 16.02 -0.37
H12 GOL P . -15.26 14.70 0.37
HO1 GOL P . -14.73 15.76 2.08
H2 GOL P . -12.89 15.38 0.28
HO2 GOL P . -13.26 15.16 -2.11
H31 GOL P . -12.52 17.23 -1.18
H32 GOL P . -13.61 17.68 -0.19
HO3 GOL P . -15.17 17.31 -1.68
C1 GOL Q . -7.05 37.01 -15.65
O1 GOL Q . -6.96 37.01 -14.24
C2 GOL Q . -6.33 35.73 -16.06
O2 GOL Q . -5.59 35.28 -15.02
C3 GOL Q . -7.48 34.84 -16.49
O3 GOL Q . -7.24 34.55 -17.84
H11 GOL Q . -6.62 37.78 -16.06
H12 GOL Q . -7.96 37.01 -15.98
HO1 GOL Q . -6.47 37.67 -14.04
H2 GOL Q . -5.70 35.81 -16.79
HO2 GOL Q . -5.97 35.52 -14.33
H31 GOL Q . -8.31 35.29 -16.32
H32 GOL Q . -7.49 34.05 -15.91
HO3 GOL Q . -6.81 35.23 -18.18
C1 GOL R . -6.65 38.56 -7.26
O1 GOL R . -5.46 38.35 -6.59
C2 GOL R . -6.85 37.50 -8.37
O2 GOL R . -7.79 36.58 -8.01
C3 GOL R . -7.26 38.40 -9.53
O3 GOL R . -7.82 37.61 -10.50
H11 GOL R . -6.68 39.43 -7.67
H12 GOL R . -7.42 38.52 -6.66
HO1 GOL R . -4.93 38.96 -6.85
H2 GOL R . -6.06 36.96 -8.56
HO2 GOL R . -7.92 36.10 -8.70
H31 GOL R . -6.48 38.88 -9.84
H32 GOL R . -7.87 39.08 -9.20
HO3 GOL R . -7.19 37.43 -11.05
C1 PEG S . 13.66 42.61 -15.44
O1 PEG S . 14.72 42.34 -16.33
C2 PEG S . 12.36 42.06 -16.02
O2 PEG S . 12.16 42.61 -17.30
C3 PEG S . 10.84 42.47 -17.76
C4 PEG S . 10.88 41.99 -19.20
O4 PEG S . 9.80 42.55 -19.91
H11 PEG S . 13.58 43.68 -15.30
H12 PEG S . 13.85 42.13 -14.49
HO1 PEG S . 14.41 42.40 -17.22
H21 PEG S . 11.53 42.32 -15.38
H22 PEG S . 12.42 40.98 -16.10
H31 PEG S . 10.34 43.43 -17.70
H32 PEG S . 10.32 41.75 -17.15
H41 PEG S . 10.80 40.91 -19.23
H42 PEG S . 11.81 42.30 -19.67
HO4 PEG S . 10.13 43.26 -20.45
C1 GOL T . 3.02 3.03 -14.25
O1 GOL T . 3.34 4.12 -13.47
C2 GOL T . 1.51 2.86 -14.06
O2 GOL T . 1.03 3.80 -13.16
C3 GOL T . 0.98 2.96 -15.50
O3 GOL T . 1.31 1.73 -16.15
H11 GOL T . 3.48 2.22 -13.98
H12 GOL T . 3.22 3.15 -15.19
HO1 GOL T . 3.01 3.95 -12.69
H2 GOL T . 1.23 2.02 -13.67
HO2 GOL T . 0.75 3.36 -12.48
H31 GOL T . 1.37 3.74 -15.92
H32 GOL T . 0.03 3.14 -15.47
HO3 GOL T . 1.22 1.10 -15.57
ZN ZN U . -14.26 -9.33 -0.10
ZN ZN V . -41.46 3.02 10.72
ZN ZN W . -7.06 -36.80 -6.40
ZN ZN X . 11.54 31.46 -18.66
#